data_5MDS
#
_entry.id   5MDS
#
_cell.length_a   250.010
_cell.length_b   145.047
_cell.length_c   55.158
_cell.angle_alpha   90.00
_cell.angle_beta   94.80
_cell.angle_gamma   90.00
#
_symmetry.space_group_name_H-M   'C 1 2 1'
#
loop_
_entity.id
_entity.type
_entity.pdbx_description
1 polymer Chitoporin
2 branched 2-acetamido-2-deoxy-beta-D-glucopyranose-(1-4)-2-acetamido-2-deoxy-beta-D-glucopyranose-(1-4)-2-acetamido-2-deoxy-beta-D-glucopyranose-(1-4)-2-acetamido-2-deoxy-beta-D-glucopyranose
#
_entity_poly.entity_id   1
_entity_poly.type   'polypeptide(L)'
_entity_poly.pdbx_seq_one_letter_code
;DGANSDAAKEYLTKDSFSYEVYGIIAMQAAYRDYDSGDAKQDDNLGGMQLNNESRIGFRGKKQFANFEPTFIWQIEGGYV
DPSFGGEGAGLGERDTFVGFESASWGQVRLGRVLTPMYELVDWPASNPGLGDVYDWGGAIGGAKYQDRQSNTIRWDSPMY
ADKFSIDAAVGAGDKAGLGAGDDYWGGIAAHYKLGPLQLDAAYEGNRNIEAEGQTWENNTYLVGVQGWFENGISFFAQYK
YMEADASNGVNEKQDAMSAGLMYTTGDWQYKLGYAANFDLERDGKTLSNTSDDVVSAQIMYFVDPSAVLYARARMNDFNE
GLDGLDDAARWTSGTNGDYNEYSVGVEYYF
;
_entity_poly.pdbx_strand_id   A,B,C
#
loop_
_chem_comp.id
_chem_comp.type
_chem_comp.name
_chem_comp.formula
NAG D-saccharide, beta linking 2-acetamido-2-deoxy-beta-D-glucopyranose 'C8 H15 N O6'
#
# COMPACT_ATOMS: atom_id res chain seq x y z
N GLU A 10 -29.44 16.93 -14.41
CA GLU A 10 -28.48 15.86 -13.97
C GLU A 10 -27.07 16.45 -13.70
N TYR A 11 -26.97 17.78 -13.53
CA TYR A 11 -25.68 18.50 -13.47
C TYR A 11 -25.16 18.47 -12.04
N LEU A 12 -24.04 17.80 -11.79
CA LEU A 12 -23.51 17.65 -10.43
C LEU A 12 -23.23 18.99 -9.73
N THR A 13 -23.43 19.05 -8.41
CA THR A 13 -22.96 20.17 -7.56
C THR A 13 -21.96 19.62 -6.54
N LYS A 14 -21.39 20.48 -5.70
CA LYS A 14 -20.49 20.04 -4.62
C LYS A 14 -21.18 18.99 -3.68
N ASP A 15 -22.49 19.12 -3.51
CA ASP A 15 -23.34 18.18 -2.72
C ASP A 15 -23.58 16.78 -3.27
N SER A 16 -23.45 16.57 -4.59
CA SER A 16 -23.58 15.23 -5.20
C SER A 16 -22.54 14.22 -4.71
N PHE A 17 -21.41 14.72 -4.23
CA PHE A 17 -20.35 13.91 -3.65
C PHE A 17 -20.60 13.70 -2.16
N SER A 18 -20.16 12.53 -1.69
CA SER A 18 -20.20 12.11 -0.31
C SER A 18 -18.78 11.97 0.23
N TYR A 19 -17.80 12.42 -0.55
CA TYR A 19 -16.39 12.44 -0.15
C TYR A 19 -15.71 13.68 -0.79
N GLU A 20 -14.59 14.08 -0.21
CA GLU A 20 -13.69 14.94 -0.93
C GLU A 20 -12.26 14.33 -0.87
N VAL A 21 -11.56 14.51 -2.01
CA VAL A 21 -10.17 14.16 -2.15
C VAL A 21 -9.44 15.41 -1.83
N TYR A 22 -8.40 15.29 -1.01
CA TYR A 22 -7.54 16.43 -0.64
C TYR A 22 -6.12 15.92 -0.69
N GLY A 23 -5.19 16.86 -0.66
CA GLY A 23 -3.77 16.48 -0.68
C GLY A 23 -2.76 17.55 -0.29
N ILE A 24 -1.65 17.04 0.22
CA ILE A 24 -0.49 17.84 0.51
C ILE A 24 0.55 17.27 -0.49
N ILE A 25 0.86 18.09 -1.50
CA ILE A 25 1.97 17.82 -2.42
C ILE A 25 3.21 18.52 -1.93
N ALA A 26 4.24 17.74 -1.61
CA ALA A 26 5.41 18.19 -0.83
C ALA A 26 6.72 17.48 -1.25
N MET A 27 7.70 18.26 -1.68
CA MET A 27 9.00 17.72 -2.18
C MET A 27 10.14 18.55 -1.58
N GLN A 28 11.09 17.84 -0.94
CA GLN A 28 12.27 18.40 -0.34
C GLN A 28 13.49 17.76 -1.04
N ALA A 29 14.33 18.59 -1.65
CA ALA A 29 15.62 18.13 -2.19
C ALA A 29 16.55 18.44 -1.02
N ALA A 30 17.17 17.41 -0.46
CA ALA A 30 17.92 17.50 0.76
C ALA A 30 19.30 16.93 0.64
N TYR A 31 20.35 17.69 0.90
CA TYR A 31 21.67 17.13 0.88
C TYR A 31 22.16 17.04 2.32
N ARG A 32 22.56 15.85 2.73
CA ARG A 32 23.18 15.68 4.06
C ARG A 32 24.64 15.38 4.00
N ASP A 33 25.33 15.82 5.04
CA ASP A 33 26.75 15.60 5.24
C ASP A 33 26.91 15.11 6.69
N TYR A 34 27.10 13.81 6.86
CA TYR A 34 27.28 13.14 8.13
C TYR A 34 28.70 13.19 8.61
N ASP A 35 28.86 13.10 9.93
CA ASP A 35 30.16 12.92 10.58
C ASP A 35 29.98 11.86 11.66
N SER A 36 29.65 10.64 11.26
CA SER A 36 29.51 9.53 12.20
C SER A 36 30.84 9.09 12.79
N GLY A 37 31.97 9.41 12.17
CA GLY A 37 33.25 8.83 12.58
C GLY A 37 33.67 7.60 11.78
N ASP A 38 32.80 7.09 10.93
CA ASP A 38 33.16 6.12 9.90
C ASP A 38 32.94 6.76 8.52
N ALA A 39 34.00 6.81 7.70
CA ALA A 39 33.92 7.45 6.39
C ALA A 39 32.89 6.76 5.49
N LYS A 40 32.90 5.44 5.41
CA LYS A 40 31.95 4.74 4.54
C LYS A 40 30.49 5.01 4.95
N GLN A 41 30.21 4.90 6.25
CA GLN A 41 28.88 5.21 6.79
C GLN A 41 28.47 6.64 6.44
N ASP A 42 29.41 7.58 6.50
CA ASP A 42 29.16 8.96 6.05
C ASP A 42 28.71 9.04 4.60
N ASP A 43 29.36 8.31 3.69
CA ASP A 43 28.96 8.26 2.24
C ASP A 43 27.58 7.63 2.00
N ASN A 44 27.30 6.60 2.79
CA ASN A 44 26.06 5.86 2.60
C ASN A 44 24.90 6.80 2.88
N LEU A 45 24.80 7.15 4.17
CA LEU A 45 23.76 8.04 4.77
C LEU A 45 23.69 9.43 4.19
N GLY A 46 24.86 9.98 3.95
CA GLY A 46 24.92 11.25 3.31
C GLY A 46 24.68 11.20 1.83
N GLY A 47 24.50 12.40 1.27
CA GLY A 47 24.37 12.62 -0.15
C GLY A 47 23.09 13.34 -0.41
N MET A 48 22.75 13.58 -1.66
CA MET A 48 21.50 14.18 -2.06
C MET A 48 20.50 13.05 -2.14
N GLN A 49 19.28 13.34 -1.63
CA GLN A 49 18.03 12.58 -1.91
C GLN A 49 16.81 13.46 -2.09
N LEU A 50 15.77 12.89 -2.68
CA LEU A 50 14.51 13.59 -2.73
C LEU A 50 13.61 13.05 -1.60
N ASN A 51 12.80 13.90 -0.99
CA ASN A 51 12.00 13.51 0.16
C ASN A 51 10.61 13.93 -0.28
N ASN A 52 9.92 12.98 -0.98
CA ASN A 52 8.60 13.21 -1.51
C ASN A 52 7.71 12.81 -0.33
N GLU A 53 7.20 13.82 0.35
CA GLU A 53 6.23 13.59 1.40
C GLU A 53 4.83 13.93 0.91
N SER A 54 4.62 13.86 -0.43
CA SER A 54 3.26 14.08 -0.87
C SER A 54 2.37 13.00 -0.23
N ARG A 55 1.08 13.36 -0.06
CA ARG A 55 0.05 12.42 0.32
C ARG A 55 -1.32 12.78 -0.20
N ILE A 56 -2.12 11.74 -0.43
CA ILE A 56 -3.53 11.92 -0.77
C ILE A 56 -4.40 11.44 0.39
N GLY A 57 -5.54 12.08 0.56
CA GLY A 57 -6.54 11.61 1.46
C GLY A 57 -7.97 11.79 1.01
N PHE A 58 -8.85 11.07 1.71
CA PHE A 58 -10.28 11.13 1.52
C PHE A 58 -10.98 11.47 2.85
N ARG A 59 -11.99 12.33 2.79
CA ARG A 59 -12.79 12.61 3.99
C ARG A 59 -14.17 13.09 3.65
N GLY A 60 -15.08 12.96 4.62
CA GLY A 60 -16.47 13.41 4.48
C GLY A 60 -17.19 13.56 5.81
N LYS A 61 -18.34 14.24 5.71
CA LYS A 61 -19.33 14.44 6.79
C LYS A 61 -20.60 13.75 6.40
N LYS A 62 -21.45 13.40 7.35
CA LYS A 62 -22.79 12.89 7.02
C LYS A 62 -23.75 13.11 8.18
N GLN A 63 -24.86 13.81 7.93
CA GLN A 63 -25.88 14.06 8.96
C GLN A 63 -26.79 12.82 9.01
N PHE A 64 -26.60 11.91 9.98
CA PHE A 64 -27.49 10.70 10.04
C PHE A 64 -28.94 11.12 10.40
N ALA A 65 -29.96 10.54 9.77
CA ALA A 65 -31.33 11.00 10.01
C ALA A 65 -31.79 10.80 11.45
N ASN A 66 -31.27 9.77 12.14
CA ASN A 66 -31.70 9.42 13.50
C ASN A 66 -30.63 9.67 14.61
N PHE A 67 -29.75 10.63 14.43
CA PHE A 67 -28.72 10.90 15.42
C PHE A 67 -28.18 12.27 15.13
N GLU A 68 -28.27 13.16 16.12
CA GLU A 68 -27.98 14.58 15.95
C GLU A 68 -26.48 14.86 15.68
N PRO A 69 -25.59 14.37 16.55
CA PRO A 69 -24.20 14.71 16.33
C PRO A 69 -23.68 14.23 14.96
N THR A 70 -23.21 15.17 14.14
CA THR A 70 -22.79 14.88 12.75
C THR A 70 -21.65 13.86 12.67
N PHE A 71 -21.81 12.85 11.81
CA PHE A 71 -20.81 11.81 11.55
C PHE A 71 -19.63 12.36 10.67
N ILE A 72 -18.39 12.02 11.03
CA ILE A 72 -17.26 12.43 10.27
C ILE A 72 -16.27 11.31 10.08
N TRP A 73 -15.56 11.36 8.94
CA TRP A 73 -14.57 10.35 8.64
C TRP A 73 -13.43 10.88 7.80
N GLN A 74 -12.30 10.23 7.90
CA GLN A 74 -11.16 10.49 7.05
C GLN A 74 -10.28 9.26 6.87
N ILE A 75 -9.64 9.19 5.72
CA ILE A 75 -8.69 8.13 5.39
C ILE A 75 -7.58 8.80 4.60
N GLU A 76 -6.38 8.80 5.19
CA GLU A 76 -5.27 9.56 4.62
C GLU A 76 -4.09 8.68 4.33
N GLY A 77 -3.56 8.82 3.12
CA GLY A 77 -2.40 8.05 2.76
C GLY A 77 -1.18 8.56 3.41
N GLY A 78 -0.19 7.70 3.53
CA GLY A 78 1.17 8.12 3.87
C GLY A 78 1.95 8.83 2.76
N TYR A 79 3.10 9.34 3.20
CA TYR A 79 4.17 9.84 2.28
C TYR A 79 4.50 8.86 1.16
N VAL A 80 4.29 9.25 -0.09
CA VAL A 80 4.56 8.40 -1.22
C VAL A 80 6.02 7.93 -1.50
N ASP A 81 7.00 8.81 -1.28
CA ASP A 81 8.40 8.44 -1.57
C ASP A 81 9.31 9.31 -0.74
N PRO A 82 9.39 8.98 0.54
CA PRO A 82 10.28 9.73 1.40
C PRO A 82 11.72 9.34 1.14
N SER A 83 12.61 10.17 1.65
CA SER A 83 14.02 9.89 1.64
C SER A 83 14.27 8.76 2.60
N PHE A 84 15.37 8.06 2.43
CA PHE A 84 15.73 6.90 3.28
C PHE A 84 14.71 5.75 3.22
N GLY A 85 13.79 5.79 2.24
CA GLY A 85 12.71 4.87 2.10
C GLY A 85 12.32 4.65 0.64
N GLY A 86 11.72 3.47 0.43
CA GLY A 86 11.20 3.02 -0.85
C GLY A 86 9.88 3.67 -1.21
N GLU A 87 9.47 3.46 -2.42
CA GLU A 87 8.31 4.13 -2.99
C GLU A 87 7.01 3.43 -2.52
N GLY A 88 5.88 4.13 -2.57
CA GLY A 88 4.62 3.51 -2.27
C GLY A 88 4.13 3.64 -0.85
N ALA A 89 2.90 4.15 -0.75
CA ALA A 89 2.16 4.27 0.52
C ALA A 89 0.71 3.82 0.39
N GLY A 90 0.26 3.20 1.48
CA GLY A 90 -1.13 2.75 1.61
C GLY A 90 -2.10 3.82 2.04
N LEU A 91 -3.38 3.56 1.74
CA LEU A 91 -4.44 4.37 2.32
C LEU A 91 -4.56 3.98 3.75
N GLY A 92 -4.55 4.99 4.62
CA GLY A 92 -4.67 4.81 6.06
C GLY A 92 -3.42 4.98 6.90
N GLU A 93 -2.27 5.29 6.30
CA GLU A 93 -1.03 5.35 7.06
C GLU A 93 -0.93 6.61 7.97
N ARG A 94 -1.58 7.68 7.54
CA ARG A 94 -1.71 8.91 8.29
C ARG A 94 -3.12 9.03 8.98
N ASP A 95 -3.55 10.22 9.40
CA ASP A 95 -4.76 10.36 10.16
C ASP A 95 -5.95 9.68 9.49
N THR A 96 -6.55 8.75 10.23
CA THR A 96 -7.45 7.82 9.63
C THR A 96 -8.42 7.45 10.71
N PHE A 97 -9.66 7.94 10.57
CA PHE A 97 -10.63 7.83 11.66
C PHE A 97 -12.11 7.95 11.26
N VAL A 98 -12.99 7.54 12.20
CA VAL A 98 -14.43 7.95 12.20
C VAL A 98 -14.67 8.82 13.44
N GLY A 99 -15.77 9.55 13.46
CA GLY A 99 -16.08 10.33 14.66
C GLY A 99 -17.39 11.08 14.65
N PHE A 100 -17.63 11.88 15.68
CA PHE A 100 -18.85 12.66 15.75
C PHE A 100 -18.58 14.06 16.26
N GLU A 101 -19.38 15.02 15.81
CA GLU A 101 -19.21 16.41 16.18
C GLU A 101 -20.57 17.07 16.55
N SER A 102 -20.51 17.97 17.54
CA SER A 102 -21.69 18.68 18.03
C SER A 102 -21.22 20.05 18.47
N ALA A 103 -21.99 21.09 18.17
CA ALA A 103 -21.57 22.45 18.51
C ALA A 103 -21.19 22.53 20.00
N SER A 104 -22.05 22.02 20.86
CA SER A 104 -21.86 22.23 22.30
C SER A 104 -20.75 21.40 22.96
N TRP A 105 -20.38 20.23 22.42
CA TRP A 105 -19.26 19.48 23.03
C TRP A 105 -18.02 19.20 22.17
N GLY A 106 -17.96 19.74 20.94
CA GLY A 106 -16.73 19.67 20.13
C GLY A 106 -16.73 18.45 19.23
N GLN A 107 -15.69 17.63 19.29
CA GLN A 107 -15.72 16.36 18.55
C GLN A 107 -14.91 15.24 19.20
N VAL A 108 -15.28 14.02 18.83
CA VAL A 108 -14.61 12.81 19.30
C VAL A 108 -14.27 11.95 18.06
N ARG A 109 -13.04 11.42 18.04
CA ARG A 109 -12.54 10.61 16.94
C ARG A 109 -12.06 9.25 17.45
N LEU A 110 -12.30 8.21 16.67
CA LEU A 110 -11.82 6.87 16.97
C LEU A 110 -10.96 6.41 15.81
N GLY A 111 -9.76 5.97 16.14
CA GLY A 111 -8.87 5.42 15.16
C GLY A 111 -7.43 5.84 15.30
N ARG A 112 -6.92 6.46 14.24
CA ARG A 112 -5.49 6.77 14.12
C ARG A 112 -5.33 8.30 14.13
N VAL A 113 -4.85 8.84 15.24
CA VAL A 113 -4.79 10.30 15.39
C VAL A 113 -3.52 10.73 16.09
N LEU A 114 -3.25 12.03 16.11
CA LEU A 114 -2.19 12.51 16.97
C LEU A 114 -2.55 12.46 18.49
N THR A 115 -1.62 12.01 19.34
CA THR A 115 -1.82 12.16 20.80
C THR A 115 -1.82 13.71 21.09
N PRO A 116 -2.52 14.18 22.15
CA PRO A 116 -2.58 15.63 22.44
C PRO A 116 -1.27 16.32 22.67
N MET A 117 -0.38 15.59 23.33
CA MET A 117 0.99 15.99 23.47
C MET A 117 1.74 16.10 22.13
N TYR A 118 1.73 15.00 21.36
CA TYR A 118 2.49 14.93 20.12
C TYR A 118 2.15 16.09 19.23
N GLU A 119 0.86 16.40 19.13
CA GLU A 119 0.46 17.48 18.28
C GLU A 119 1.21 18.79 18.57
N LEU A 120 1.39 19.11 19.88
CA LEU A 120 2.18 20.26 20.34
C LEU A 120 3.71 20.07 20.15
N VAL A 121 4.20 18.85 20.35
CA VAL A 121 5.61 18.55 20.15
C VAL A 121 6.00 18.83 18.69
N ASP A 122 5.17 18.35 17.77
CA ASP A 122 5.40 18.50 16.34
C ASP A 122 5.18 19.95 15.90
N TRP A 123 4.05 20.54 16.27
CA TRP A 123 3.76 21.94 15.92
C TRP A 123 3.43 22.71 17.19
N PRO A 124 4.12 23.85 17.42
CA PRO A 124 5.18 24.50 16.64
C PRO A 124 6.58 23.94 16.80
N ALA A 125 6.77 23.05 17.76
CA ALA A 125 8.09 22.85 18.37
C ALA A 125 9.09 22.00 17.58
N SER A 126 8.66 21.38 16.51
CA SER A 126 9.59 20.55 15.72
C SER A 126 10.05 21.21 14.46
N ASN A 127 9.53 22.40 14.18
CA ASN A 127 9.75 23.06 12.90
C ASN A 127 10.65 24.33 13.03
N PRO A 128 11.65 24.48 12.12
CA PRO A 128 11.99 23.64 10.97
C PRO A 128 13.18 22.71 11.23
N GLY A 129 13.00 21.40 11.00
CA GLY A 129 14.08 20.45 11.11
C GLY A 129 14.54 20.12 12.51
N LEU A 130 13.71 20.42 13.47
CA LEU A 130 14.17 20.28 14.85
C LEU A 130 13.77 18.95 15.44
N GLY A 131 13.13 18.12 14.62
CA GLY A 131 12.51 16.88 15.04
C GLY A 131 13.47 15.78 15.44
N ASP A 132 14.65 15.67 14.82
CA ASP A 132 15.61 14.60 15.20
C ASP A 132 15.98 14.72 16.64
N VAL A 133 15.89 15.94 17.17
CA VAL A 133 16.23 16.24 18.54
C VAL A 133 15.00 16.20 19.38
N TYR A 134 13.97 16.93 18.94
CA TYR A 134 12.83 17.24 19.82
C TYR A 134 11.54 16.41 19.64
N ASP A 135 11.41 15.76 18.48
CA ASP A 135 10.25 14.92 18.11
C ASP A 135 10.46 13.48 18.58
N TRP A 136 11.26 12.72 17.85
CA TRP A 136 11.66 11.38 18.23
C TRP A 136 13.03 11.30 18.92
N GLY A 137 13.82 12.38 19.00
CA GLY A 137 15.10 12.34 19.74
C GLY A 137 14.92 12.24 21.25
N GLY A 138 15.92 11.73 21.97
CA GLY A 138 15.83 11.47 23.42
C GLY A 138 16.57 10.22 23.84
N ALA A 139 17.04 10.14 25.08
CA ALA A 139 17.77 8.96 25.51
C ALA A 139 16.98 8.15 26.50
N ILE A 140 15.79 8.62 26.84
CA ILE A 140 15.09 7.98 27.93
C ILE A 140 14.41 6.67 27.49
N GLY A 141 14.49 5.69 28.39
CA GLY A 141 13.81 4.43 28.26
C GLY A 141 12.31 4.49 28.33
N GLY A 142 11.71 3.36 27.96
CA GLY A 142 10.25 3.26 27.86
C GLY A 142 9.81 3.99 26.64
N ALA A 143 8.64 4.60 26.70
CA ALA A 143 8.10 5.35 25.57
C ALA A 143 7.74 6.75 26.06
N LYS A 144 8.49 7.74 25.66
CA LYS A 144 8.25 9.09 26.15
C LYS A 144 6.83 9.58 25.84
N TYR A 145 6.33 9.20 24.67
CA TYR A 145 4.97 9.50 24.20
C TYR A 145 4.74 8.80 22.84
N GLN A 146 3.52 8.40 22.53
CA GLN A 146 3.28 7.82 21.22
C GLN A 146 3.08 9.11 20.27
N ASP A 147 3.01 8.99 18.94
CA ASP A 147 2.97 10.19 18.06
C ASP A 147 1.64 10.21 17.27
N ARG A 148 1.63 9.70 16.06
CA ARG A 148 0.44 9.26 15.40
C ARG A 148 0.23 7.84 15.91
N GLN A 149 -0.99 7.55 16.36
CA GLN A 149 -1.27 6.30 17.08
C GLN A 149 -2.61 5.71 16.72
N SER A 150 -2.59 4.41 16.34
CA SER A 150 -3.84 3.71 16.07
C SER A 150 -4.47 3.30 17.42
N ASN A 151 -5.75 2.92 17.39
CA ASN A 151 -6.47 2.41 18.56
C ASN A 151 -6.60 3.47 19.61
N THR A 152 -6.96 4.68 19.17
CA THR A 152 -7.01 5.83 20.02
C THR A 152 -8.42 6.41 19.94
N ILE A 153 -8.98 6.78 21.09
CA ILE A 153 -10.12 7.66 21.12
C ILE A 153 -9.71 9.06 21.64
N ARG A 154 -10.19 10.11 20.95
CA ARG A 154 -9.79 11.43 21.27
C ARG A 154 -10.89 12.48 21.12
N TRP A 155 -11.01 13.26 22.19
CA TRP A 155 -11.96 14.32 22.33
C TRP A 155 -11.20 15.62 22.11
N ASP A 156 -11.74 16.45 21.21
CA ASP A 156 -11.34 17.84 21.00
C ASP A 156 -12.52 18.72 21.43
N SER A 157 -12.29 19.51 22.49
CA SER A 157 -13.35 20.37 23.01
C SER A 157 -13.55 21.56 22.06
N PRO A 158 -14.73 22.22 22.15
CA PRO A 158 -14.87 23.51 21.47
C PRO A 158 -13.97 24.58 22.15
N MET A 159 -13.83 25.77 21.56
CA MET A 159 -13.13 26.92 22.20
C MET A 159 -14.13 27.55 23.17
N TYR A 160 -14.12 27.13 24.44
CA TYR A 160 -14.98 27.71 25.50
C TYR A 160 -14.65 29.17 25.63
N ALA A 161 -15.66 30.03 25.51
CA ALA A 161 -15.52 31.48 25.70
C ALA A 161 -14.52 32.13 24.71
N ASP A 162 -14.32 31.53 23.54
CA ASP A 162 -13.22 31.86 22.60
C ASP A 162 -11.77 31.82 23.12
N LYS A 163 -11.57 31.80 24.45
CA LYS A 163 -10.26 31.77 25.10
C LYS A 163 -9.66 30.33 25.19
N PHE A 164 -10.48 29.32 25.46
CA PHE A 164 -9.96 28.09 26.12
C PHE A 164 -10.38 26.76 25.47
N SER A 165 -9.49 25.77 25.41
CA SER A 165 -9.85 24.47 24.79
C SER A 165 -8.98 23.28 25.22
N ILE A 166 -9.59 22.10 25.12
CA ILE A 166 -8.99 20.90 25.66
C ILE A 166 -8.93 19.80 24.60
N ASP A 167 -7.83 19.04 24.65
CA ASP A 167 -7.62 17.89 23.78
C ASP A 167 -7.34 16.75 24.76
N ALA A 168 -8.11 15.68 24.67
CA ALA A 168 -7.98 14.54 25.59
C ALA A 168 -8.09 13.22 24.84
N ALA A 169 -7.29 12.23 25.24
CA ALA A 169 -7.23 11.01 24.54
C ALA A 169 -6.76 9.85 25.39
N VAL A 170 -7.21 8.63 25.05
CA VAL A 170 -6.61 7.38 25.55
C VAL A 170 -6.54 6.43 24.38
N GLY A 171 -5.61 5.47 24.45
CA GLY A 171 -5.47 4.51 23.39
C GLY A 171 -4.60 3.33 23.75
N ALA A 172 -4.52 2.39 22.81
CA ALA A 172 -3.74 1.17 23.01
C ALA A 172 -2.34 1.40 22.55
N GLY A 173 -1.45 0.56 23.07
CA GLY A 173 -0.06 0.60 22.75
C GLY A 173 0.29 0.00 21.43
N ASP A 174 1.59 -0.04 21.19
CA ASP A 174 2.10 -0.57 19.92
C ASP A 174 2.02 -2.05 19.92
N LYS A 175 2.41 -2.68 21.02
CA LYS A 175 2.29 -4.13 21.06
C LYS A 175 0.81 -4.60 21.11
N ALA A 176 -0.03 -3.87 21.87
CA ALA A 176 -1.47 -4.13 22.02
C ALA A 176 -2.22 -4.08 20.68
N GLY A 177 -1.80 -3.23 19.75
CA GLY A 177 -2.47 -3.10 18.47
C GLY A 177 -2.17 -4.27 17.55
N LEU A 178 -1.22 -5.12 17.94
CA LEU A 178 -0.93 -6.42 17.32
C LEU A 178 -1.15 -7.65 18.26
N GLY A 179 -1.87 -7.52 19.38
CA GLY A 179 -2.09 -8.63 20.32
C GLY A 179 -0.81 -9.28 20.79
N ALA A 180 0.24 -8.48 20.90
CA ALA A 180 1.53 -8.89 21.49
C ALA A 180 1.89 -8.15 22.85
N GLY A 181 0.93 -7.43 23.46
CA GLY A 181 1.14 -6.92 24.82
C GLY A 181 -0.05 -6.15 25.35
N ASP A 182 0.12 -5.57 26.55
CA ASP A 182 -0.97 -4.89 27.24
C ASP A 182 -0.66 -3.40 27.47
N ASP A 183 0.11 -2.83 26.55
CA ASP A 183 0.61 -1.47 26.69
C ASP A 183 -0.46 -0.46 26.29
N TYR A 184 -0.52 0.65 27.01
CA TYR A 184 -1.57 1.66 26.82
C TYR A 184 -1.10 3.00 27.37
N TRP A 185 -1.90 4.02 27.08
CA TRP A 185 -1.56 5.36 27.42
C TRP A 185 -2.79 6.25 27.42
N GLY A 186 -2.68 7.33 28.20
CA GLY A 186 -3.62 8.40 28.13
C GLY A 186 -2.86 9.71 28.12
N GLY A 187 -3.51 10.76 27.65
CA GLY A 187 -2.93 12.07 27.79
C GLY A 187 -3.88 13.20 27.49
N ILE A 188 -3.43 14.41 27.78
CA ILE A 188 -4.31 15.54 27.77
C ILE A 188 -3.49 16.79 27.50
N ALA A 189 -4.14 17.78 26.91
CA ALA A 189 -3.50 19.03 26.57
C ALA A 189 -4.50 20.17 26.66
N ALA A 190 -4.01 21.38 26.90
CA ALA A 190 -4.86 22.51 27.12
C ALA A 190 -4.24 23.74 26.43
N HIS A 191 -5.11 24.65 25.99
CA HIS A 191 -4.76 25.79 25.14
C HIS A 191 -5.53 27.05 25.54
N TYR A 192 -4.81 28.11 25.91
CA TYR A 192 -5.40 29.37 26.38
C TYR A 192 -4.94 30.57 25.55
N LYS A 193 -5.87 31.31 24.94
CA LYS A 193 -5.55 32.50 24.13
C LYS A 193 -5.60 33.67 25.06
N LEU A 194 -4.51 34.41 25.15
CA LEU A 194 -4.44 35.56 26.08
C LEU A 194 -3.84 36.71 25.31
N GLY A 195 -4.67 37.66 24.85
CA GLY A 195 -4.16 38.76 23.98
C GLY A 195 -3.51 38.18 22.72
N PRO A 196 -2.23 38.52 22.42
CA PRO A 196 -1.49 37.88 21.31
C PRO A 196 -0.77 36.58 21.66
N LEU A 197 -1.17 35.89 22.72
CA LEU A 197 -0.40 34.72 23.14
C LEU A 197 -1.27 33.50 23.08
N GLN A 198 -0.64 32.37 22.83
CA GLN A 198 -1.25 31.10 23.21
C GLN A 198 -0.37 30.39 24.25
N LEU A 199 -0.99 29.94 25.34
CA LEU A 199 -0.28 29.18 26.36
C LEU A 199 -0.75 27.73 26.18
N ASP A 200 0.21 26.81 26.17
CA ASP A 200 -0.06 25.40 25.94
C ASP A 200 0.46 24.60 27.10
N ALA A 201 -0.27 23.54 27.45
CA ALA A 201 0.22 22.55 28.42
C ALA A 201 -0.28 21.19 28.00
N ALA A 202 0.55 20.18 28.21
CA ALA A 202 0.14 18.85 27.92
C ALA A 202 0.82 17.84 28.81
N TYR A 203 0.18 16.66 28.89
CA TYR A 203 0.67 15.52 29.67
C TYR A 203 0.49 14.28 28.79
N GLU A 204 1.33 13.26 29.01
CA GLU A 204 1.01 11.92 28.55
C GLU A 204 1.68 10.86 29.41
N GLY A 205 0.88 9.90 29.86
CA GLY A 205 1.35 8.73 30.59
C GLY A 205 1.27 7.47 29.74
N ASN A 206 2.32 6.64 29.78
CA ASN A 206 2.37 5.37 29.05
C ASN A 206 2.69 4.27 30.06
N ARG A 207 1.96 3.17 29.95
CA ARG A 207 1.98 2.12 30.94
C ARG A 207 2.15 0.79 30.23
N ASN A 208 2.74 -0.18 30.95
CA ASN A 208 3.05 -1.51 30.47
C ASN A 208 3.92 -1.54 29.21
N ILE A 209 4.83 -0.59 29.05
CA ILE A 209 5.76 -0.55 27.92
C ILE A 209 6.83 -1.58 28.21
N GLU A 210 7.06 -2.50 27.25
CA GLU A 210 8.01 -3.59 27.43
C GLU A 210 9.24 -3.19 26.65
N ALA A 211 10.41 -3.29 27.26
CA ALA A 211 11.65 -2.76 26.66
C ALA A 211 12.83 -3.12 27.54
N GLU A 212 13.92 -3.47 26.91
CA GLU A 212 15.17 -3.72 27.60
C GLU A 212 14.96 -4.66 28.83
N GLY A 213 14.21 -5.75 28.64
CA GLY A 213 14.04 -6.76 29.67
C GLY A 213 13.23 -6.29 30.85
N GLN A 214 12.44 -5.22 30.68
CA GLN A 214 11.67 -4.61 31.78
C GLN A 214 10.34 -4.08 31.28
N THR A 215 9.46 -3.80 32.23
CA THR A 215 8.20 -3.13 31.99
C THR A 215 8.40 -1.70 32.50
N TRP A 216 7.99 -0.72 31.72
CA TRP A 216 8.17 0.70 32.04
C TRP A 216 6.86 1.44 32.20
N GLU A 217 6.93 2.52 32.99
CA GLU A 217 5.92 3.55 33.03
C GLU A 217 6.55 4.89 32.75
N ASN A 218 5.98 5.65 31.82
CA ASN A 218 6.49 6.93 31.41
C ASN A 218 5.52 8.00 31.81
N ASN A 219 6.07 9.14 32.21
CA ASN A 219 5.26 10.31 32.44
C ASN A 219 6.01 11.48 31.88
N THR A 220 5.34 12.18 30.95
CA THR A 220 5.95 13.26 30.20
C THR A 220 5.08 14.55 30.20
N TYR A 221 5.64 15.66 30.65
CA TYR A 221 4.88 16.90 30.84
C TYR A 221 5.51 18.01 30.00
N LEU A 222 4.68 18.94 29.53
CA LEU A 222 5.16 20.09 28.82
C LEU A 222 4.30 21.34 28.95
N VAL A 223 4.96 22.47 28.79
CA VAL A 223 4.34 23.78 28.71
C VAL A 223 5.08 24.59 27.63
N GLY A 224 4.37 25.55 27.03
CA GLY A 224 5.00 26.47 26.11
C GLY A 224 4.16 27.68 25.79
N VAL A 225 4.76 28.61 25.05
CA VAL A 225 4.10 29.87 24.70
C VAL A 225 4.34 30.16 23.22
N GLN A 226 3.37 30.84 22.60
CA GLN A 226 3.47 31.24 21.21
C GLN A 226 2.93 32.63 21.12
N GLY A 227 3.74 33.53 20.57
CA GLY A 227 3.41 34.94 20.53
C GLY A 227 3.48 35.60 19.17
N TRP A 228 2.56 36.52 18.93
CA TRP A 228 2.44 37.31 17.70
C TRP A 228 2.47 38.80 18.00
N PHE A 229 3.60 39.41 17.66
CA PHE A 229 3.67 40.85 17.44
C PHE A 229 2.91 41.24 16.15
N GLU A 230 2.51 42.49 16.07
CA GLU A 230 1.71 42.99 14.96
C GLU A 230 2.55 43.53 13.84
N ASN A 231 3.87 43.30 13.86
CA ASN A 231 4.73 43.83 12.81
C ASN A 231 5.33 42.68 11.96
N GLY A 232 4.73 41.48 12.08
CA GLY A 232 5.25 40.29 11.41
C GLY A 232 6.29 39.51 12.20
N ILE A 233 6.54 39.91 13.45
CA ILE A 233 7.44 39.13 14.32
C ILE A 233 6.57 38.16 15.12
N SER A 234 7.05 36.92 15.28
CA SER A 234 6.41 35.90 16.15
C SER A 234 7.45 34.88 16.63
N PHE A 235 7.08 34.10 17.65
CA PHE A 235 8.03 33.15 18.26
C PHE A 235 7.33 32.02 18.96
N PHE A 236 8.11 31.04 19.40
CA PHE A 236 7.63 30.05 20.32
C PHE A 236 8.76 29.58 21.22
N ALA A 237 8.41 29.15 22.44
CA ALA A 237 9.31 28.33 23.27
C ALA A 237 8.51 27.27 23.99
N GLN A 238 9.13 26.11 24.23
CA GLN A 238 8.44 24.97 24.82
C GLN A 238 9.44 24.21 25.69
N TYR A 239 9.00 23.79 26.86
CA TYR A 239 9.82 22.99 27.78
C TYR A 239 9.09 21.65 28.03
N LYS A 240 9.86 20.57 28.17
CA LYS A 240 9.33 19.21 28.06
C LYS A 240 10.15 18.40 29.02
N TYR A 241 9.45 17.70 29.94
CA TYR A 241 10.08 17.00 31.07
C TYR A 241 9.60 15.59 31.01
N MET A 242 10.54 14.65 30.96
CA MET A 242 10.23 13.25 30.73
C MET A 242 10.77 12.43 31.89
N GLU A 243 9.91 11.62 32.48
CA GLU A 243 10.32 10.71 33.48
C GLU A 243 9.96 9.30 33.04
N ALA A 244 10.77 8.33 33.48
CA ALA A 244 10.46 6.93 33.28
C ALA A 244 10.90 6.06 34.44
N ASP A 245 10.07 5.08 34.76
CA ASP A 245 10.31 4.17 35.88
C ASP A 245 10.18 2.73 35.39
N ALA A 246 11.15 1.90 35.73
CA ALA A 246 11.23 0.53 35.28
C ALA A 246 10.85 -0.46 36.39
N SER A 247 10.21 -1.56 36.02
CA SER A 247 9.85 -2.62 36.97
C SER A 247 10.95 -3.09 37.94
N ASN A 248 12.23 -2.95 37.60
CA ASN A 248 13.35 -3.28 38.55
C ASN A 248 13.75 -2.14 39.51
N GLY A 249 13.01 -1.02 39.52
CA GLY A 249 13.30 0.12 40.41
C GLY A 249 13.94 1.35 39.78
N VAL A 250 14.62 1.18 38.64
CA VAL A 250 15.41 2.28 38.05
C VAL A 250 14.52 3.46 37.73
N ASN A 251 15.04 4.67 38.00
CA ASN A 251 14.38 5.89 37.62
C ASN A 251 15.21 6.55 36.56
N GLU A 252 14.57 7.30 35.68
CA GLU A 252 15.28 8.08 34.68
C GLU A 252 14.53 9.35 34.44
N LYS A 253 15.27 10.45 34.35
CA LYS A 253 14.70 11.75 34.10
C LYS A 253 15.53 12.37 33.00
N GLN A 254 14.84 13.09 32.13
CA GLN A 254 15.47 13.88 31.08
C GLN A 254 14.55 15.00 30.61
N ASP A 255 15.11 16.20 30.43
CA ASP A 255 14.31 17.34 29.95
C ASP A 255 14.93 17.90 28.70
N ALA A 256 14.27 18.89 28.14
CA ALA A 256 14.47 19.29 26.77
C ALA A 256 13.72 20.60 26.56
N MET A 257 14.14 21.37 25.55
CA MET A 257 13.52 22.64 25.21
C MET A 257 13.71 22.91 23.74
N SER A 258 12.75 23.64 23.16
CA SER A 258 12.74 24.05 21.77
C SER A 258 12.25 25.48 21.68
N ALA A 259 12.94 26.28 20.87
CA ALA A 259 12.52 27.65 20.62
C ALA A 259 12.73 28.11 19.16
N GLY A 260 11.85 29.00 18.71
CA GLY A 260 11.85 29.44 17.33
C GLY A 260 11.50 30.89 17.23
N LEU A 261 12.11 31.56 16.27
CA LEU A 261 11.96 33.00 16.05
C LEU A 261 11.63 33.22 14.57
N MET A 262 10.62 34.03 14.29
CA MET A 262 10.23 34.29 12.92
C MET A 262 9.90 35.72 12.61
N TYR A 263 10.14 36.07 11.36
CA TYR A 263 9.83 37.38 10.88
C TYR A 263 9.19 37.21 9.52
N THR A 264 7.94 37.66 9.42
CA THR A 264 7.11 37.42 8.25
C THR A 264 6.77 38.76 7.70
N THR A 265 7.22 39.04 6.47
CA THR A 265 7.15 40.38 5.92
C THR A 265 6.72 40.25 4.48
N GLY A 266 5.59 40.84 4.09
CA GLY A 266 5.03 40.63 2.73
C GLY A 266 4.99 39.15 2.38
N ASP A 267 5.61 38.77 1.26
CA ASP A 267 5.55 37.34 0.81
C ASP A 267 6.67 36.46 1.41
N TRP A 268 7.41 36.90 2.43
CA TRP A 268 8.59 36.16 2.90
C TRP A 268 8.48 35.83 4.38
N GLN A 269 9.15 34.74 4.78
CA GLN A 269 9.31 34.43 6.21
C GLN A 269 10.68 33.87 6.50
N TYR A 270 11.40 34.58 7.36
CA TYR A 270 12.68 34.10 7.86
C TYR A 270 12.42 33.40 9.18
N LYS A 271 13.10 32.30 9.44
CA LYS A 271 12.91 31.54 10.64
C LYS A 271 14.21 30.98 11.15
N LEU A 272 14.38 31.14 12.46
CA LEU A 272 15.52 30.64 13.21
C LEU A 272 14.95 29.71 14.27
N GLY A 273 15.52 28.54 14.46
CA GLY A 273 14.96 27.58 15.45
C GLY A 273 16.09 26.84 16.10
N TYR A 274 15.98 26.59 17.41
CA TYR A 274 16.99 25.79 18.10
C TYR A 274 16.28 24.87 19.06
N ALA A 275 16.74 23.62 19.20
CA ALA A 275 16.19 22.73 20.21
C ALA A 275 17.21 21.75 20.75
N ALA A 276 17.00 21.28 21.97
CA ALA A 276 18.02 20.48 22.64
C ALA A 276 17.42 19.58 23.68
N ASN A 277 18.01 18.42 23.83
CA ASN A 277 17.74 17.57 24.97
C ASN A 277 18.94 17.76 25.85
N PHE A 278 18.72 17.92 27.15
CA PHE A 278 19.82 17.96 28.11
C PHE A 278 20.22 16.57 28.56
N ASP A 279 21.32 16.51 29.31
CA ASP A 279 21.87 15.23 29.72
C ASP A 279 20.79 14.44 30.47
N LEU A 280 20.79 13.14 30.26
CA LEU A 280 19.87 12.27 30.93
C LEU A 280 20.39 11.99 32.34
N GLU A 281 19.46 11.80 33.26
CA GLU A 281 19.79 11.35 34.60
C GLU A 281 19.16 9.99 34.80
N ARG A 282 19.91 9.08 35.43
CA ARG A 282 19.40 7.77 35.85
C ARG A 282 19.75 7.48 37.30
N ASP A 283 18.71 7.32 38.15
CA ASP A 283 18.86 7.06 39.58
C ASP A 283 19.69 8.18 40.16
N GLY A 284 19.41 9.40 39.70
CA GLY A 284 20.13 10.59 40.13
C GLY A 284 21.58 10.84 39.72
N LYS A 285 22.21 9.97 38.89
CA LYS A 285 23.55 10.27 38.34
C LYS A 285 23.32 10.73 36.93
N THR A 286 23.73 11.94 36.60
CA THR A 286 23.77 12.42 35.22
C THR A 286 24.72 11.49 34.47
N LEU A 287 24.40 11.23 33.20
CA LEU A 287 25.25 10.47 32.25
C LEU A 287 25.85 11.43 31.25
N SER A 288 27.18 11.40 31.17
CA SER A 288 27.92 12.35 30.35
C SER A 288 27.54 12.17 28.88
N ASN A 289 27.33 13.33 28.22
CA ASN A 289 27.27 13.45 26.76
C ASN A 289 26.09 12.71 26.18
N THR A 290 24.99 12.76 26.93
CA THR A 290 23.75 12.19 26.56
C THR A 290 22.79 13.23 26.04
N SER A 291 23.25 14.48 25.95
CA SER A 291 22.45 15.54 25.36
C SER A 291 22.57 15.60 23.82
N ASP A 292 21.71 16.39 23.17
CA ASP A 292 21.70 16.63 21.72
C ASP A 292 21.26 18.05 21.48
N ASP A 293 21.68 18.67 20.39
CA ASP A 293 20.98 19.85 19.90
C ASP A 293 20.91 20.02 18.39
N VAL A 294 20.13 21.03 17.99
CA VAL A 294 20.00 21.41 16.61
C VAL A 294 19.71 22.91 16.46
N VAL A 295 20.46 23.55 15.60
CA VAL A 295 20.13 24.88 15.12
C VAL A 295 19.73 24.83 13.64
N SER A 296 18.82 25.70 13.20
CA SER A 296 18.24 25.59 11.85
C SER A 296 17.78 26.94 11.37
N ALA A 297 18.03 27.23 10.11
CA ALA A 297 17.73 28.58 9.59
C ALA A 297 16.91 28.34 8.39
N GLN A 298 15.94 29.19 8.11
CA GLN A 298 15.06 28.89 6.98
C GLN A 298 14.54 30.17 6.38
N ILE A 299 14.53 30.21 5.06
CA ILE A 299 13.85 31.28 4.33
C ILE A 299 12.69 30.64 3.56
N MET A 300 11.51 31.24 3.63
CA MET A 300 10.33 30.68 3.00
C MET A 300 9.62 31.77 2.25
N TYR A 301 9.18 31.46 1.02
CA TYR A 301 8.49 32.40 0.13
C TYR A 301 7.05 31.93 -0.03
N PHE A 302 6.08 32.84 0.04
CA PHE A 302 4.69 32.45 -0.05
C PHE A 302 4.32 32.57 -1.50
N VAL A 303 4.74 31.56 -2.27
CA VAL A 303 4.63 31.58 -3.73
C VAL A 303 3.19 31.65 -4.28
N ASP A 304 2.21 31.16 -3.51
CA ASP A 304 0.75 31.24 -3.86
C ASP A 304 -0.03 31.14 -2.53
N PRO A 305 -1.29 31.65 -2.46
CA PRO A 305 -2.08 31.34 -1.24
C PRO A 305 -2.07 29.84 -0.82
N SER A 306 -2.04 28.92 -1.76
CA SER A 306 -2.03 27.51 -1.44
C SER A 306 -0.63 26.87 -1.47
N ALA A 307 0.45 27.64 -1.58
CA ALA A 307 1.79 27.00 -1.68
C ALA A 307 2.96 27.79 -1.15
N VAL A 308 4.04 27.08 -0.81
CA VAL A 308 5.29 27.69 -0.37
C VAL A 308 6.55 27.03 -0.97
N LEU A 309 7.57 27.86 -1.26
CA LEU A 309 8.95 27.42 -1.53
C LEU A 309 9.78 27.72 -0.29
N TYR A 310 10.81 26.93 -0.02
CA TYR A 310 11.65 27.18 1.16
C TYR A 310 13.04 26.67 0.99
N ALA A 311 14.00 27.29 1.67
CA ALA A 311 15.39 26.85 1.63
C ALA A 311 15.78 26.75 3.08
N ARG A 312 16.64 25.82 3.41
CA ARG A 312 16.90 25.60 4.82
C ARG A 312 18.20 24.87 5.07
N ALA A 313 18.88 25.28 6.12
CA ALA A 313 20.11 24.66 6.56
C ALA A 313 20.01 24.34 8.06
N ARG A 314 20.52 23.19 8.46
CA ARG A 314 20.45 22.85 9.85
C ARG A 314 21.55 21.93 10.27
N MET A 315 21.83 21.96 11.56
CA MET A 315 23.04 21.32 12.09
C MET A 315 22.69 20.55 13.36
N ASN A 316 22.81 19.24 13.32
CA ASN A 316 22.45 18.37 14.41
C ASN A 316 23.69 17.87 15.08
N ASP A 317 23.82 18.12 16.38
CA ASP A 317 24.84 17.44 17.17
C ASP A 317 24.13 16.55 18.15
N PHE A 318 24.27 15.24 17.96
CA PHE A 318 23.64 14.26 18.81
C PHE A 318 24.58 13.79 19.87
N ASN A 319 23.98 13.19 20.89
CA ASN A 319 24.64 12.50 21.97
C ASN A 319 25.58 11.49 21.45
N GLU A 320 26.50 11.08 22.29
CA GLU A 320 27.59 10.28 21.84
C GLU A 320 27.44 8.85 22.49
N GLY A 321 26.19 8.36 22.64
CA GLY A 321 25.90 6.97 23.09
C GLY A 321 25.56 6.68 24.57
N LEU A 322 24.72 5.68 24.81
CA LEU A 322 24.43 5.15 26.14
C LEU A 322 23.85 3.75 26.08
N ASP A 323 23.92 3.07 27.21
CA ASP A 323 23.38 1.72 27.35
C ASP A 323 21.98 1.77 27.96
N GLY A 324 21.10 0.89 27.50
CA GLY A 324 19.83 0.66 28.17
C GLY A 324 20.04 -0.35 29.26
N LEU A 325 18.97 -0.62 30.00
CA LEU A 325 19.03 -1.49 31.18
C LEU A 325 19.28 -2.98 30.91
N ASP A 326 19.38 -3.36 29.64
CA ASP A 326 19.71 -4.74 29.24
C ASP A 326 21.17 -4.86 28.89
N ASP A 327 22.01 -3.88 29.27
CA ASP A 327 23.44 -3.82 28.95
C ASP A 327 23.74 -3.81 27.42
N ALA A 328 22.93 -3.08 26.64
CA ALA A 328 23.07 -3.00 25.16
C ALA A 328 22.79 -1.57 24.69
N ALA A 329 23.42 -1.15 23.59
CA ALA A 329 23.28 0.25 23.18
C ALA A 329 21.81 0.52 23.00
N ARG A 330 21.37 1.63 23.54
CA ARG A 330 19.99 2.05 23.42
C ARG A 330 19.90 2.84 22.15
N TRP A 331 19.13 2.39 21.19
CA TRP A 331 19.00 3.18 20.00
C TRP A 331 18.44 4.58 20.36
N THR A 332 19.02 5.63 19.75
CA THR A 332 18.51 7.01 19.82
C THR A 332 18.60 7.63 18.43
N SER A 333 17.98 8.80 18.24
CA SER A 333 18.11 9.60 17.00
C SER A 333 19.54 10.03 16.66
N GLY A 334 20.52 9.63 17.47
CA GLY A 334 21.90 9.87 17.17
C GLY A 334 22.71 8.64 16.85
N THR A 335 22.15 7.45 16.99
CA THR A 335 22.94 6.27 16.66
C THR A 335 23.62 6.35 15.24
N ASN A 336 22.99 6.99 14.26
CA ASN A 336 23.57 7.15 12.89
C ASN A 336 24.60 8.29 12.77
N GLY A 337 24.69 9.20 13.75
CA GLY A 337 25.79 10.12 13.82
C GLY A 337 25.37 11.56 13.59
N ASP A 338 26.28 12.49 13.91
CA ASP A 338 26.04 13.91 13.72
C ASP A 338 25.93 14.20 12.21
N TYR A 339 25.10 15.16 11.82
CA TYR A 339 25.02 15.53 10.41
C TYR A 339 24.47 16.93 10.23
N ASN A 340 24.89 17.57 9.14
CA ASN A 340 24.33 18.86 8.67
C ASN A 340 23.48 18.63 7.44
N GLU A 341 22.58 19.55 7.11
CA GLU A 341 21.71 19.35 5.99
C GLU A 341 21.29 20.65 5.39
N TYR A 342 21.43 20.73 4.05
CA TYR A 342 20.99 21.88 3.23
C TYR A 342 19.84 21.33 2.39
N SER A 343 18.78 22.10 2.23
CA SER A 343 17.52 21.61 1.68
C SER A 343 16.86 22.78 0.98
N VAL A 344 16.15 22.50 -0.12
CA VAL A 344 15.13 23.40 -0.69
C VAL A 344 13.88 22.57 -1.02
N GLY A 345 12.72 23.22 -1.03
CA GLY A 345 11.46 22.52 -1.00
C GLY A 345 10.24 23.27 -1.47
N VAL A 346 9.21 22.51 -1.85
CA VAL A 346 7.90 23.04 -2.25
C VAL A 346 6.76 22.29 -1.58
N GLU A 347 5.67 23.00 -1.23
CA GLU A 347 4.47 22.40 -0.60
C GLU A 347 3.23 23.10 -1.08
N TYR A 348 2.30 22.31 -1.59
CA TYR A 348 1.09 22.78 -2.25
C TYR A 348 -0.06 22.06 -1.55
N TYR A 349 -1.18 22.75 -1.34
CA TYR A 349 -2.34 22.31 -0.55
C TYR A 349 -3.59 22.43 -1.42
N PHE A 350 -4.31 21.33 -1.56
CA PHE A 350 -5.57 21.33 -2.37
C PHE A 350 -6.65 20.57 -1.71
N GLU B 10 -19.15 23.90 -20.04
CA GLU B 10 -18.32 22.73 -19.65
C GLU B 10 -18.70 22.24 -18.23
N TYR B 11 -20.00 22.26 -17.95
CA TYR B 11 -20.56 21.94 -16.61
C TYR B 11 -20.73 20.41 -16.49
N LEU B 12 -19.97 19.78 -15.60
CA LEU B 12 -19.95 18.30 -15.50
C LEU B 12 -21.31 17.70 -15.19
N THR B 13 -21.60 16.52 -15.73
CA THR B 13 -22.74 15.67 -15.27
C THR B 13 -22.15 14.36 -14.72
N LYS B 14 -22.99 13.47 -14.19
CA LYS B 14 -22.55 12.14 -13.74
C LYS B 14 -21.77 11.35 -14.85
N ASP B 15 -22.17 11.58 -16.11
CA ASP B 15 -21.55 10.97 -17.31
C ASP B 15 -20.13 11.47 -17.70
N SER B 16 -19.75 12.68 -17.30
CA SER B 16 -18.37 13.18 -17.54
C SER B 16 -17.26 12.33 -16.90
N PHE B 17 -17.62 11.59 -15.86
CA PHE B 17 -16.70 10.68 -15.20
C PHE B 17 -16.75 9.30 -15.86
N SER B 18 -15.61 8.63 -15.84
CA SER B 18 -15.40 7.28 -16.28
C SER B 18 -15.01 6.43 -15.08
N TYR B 19 -15.12 6.96 -13.88
CA TYR B 19 -14.96 6.19 -12.64
C TYR B 19 -15.95 6.71 -11.58
N GLU B 20 -16.22 5.88 -10.59
CA GLU B 20 -16.79 6.36 -9.35
C GLU B 20 -15.95 5.84 -8.17
N VAL B 21 -15.82 6.72 -7.17
CA VAL B 21 -15.20 6.42 -5.90
C VAL B 21 -16.36 6.01 -5.02
N TYR B 22 -16.19 4.89 -4.31
CA TYR B 22 -17.19 4.38 -3.37
C TYR B 22 -16.44 3.96 -2.12
N GLY B 23 -17.21 3.74 -1.04
CA GLY B 23 -16.60 3.31 0.20
C GLY B 23 -17.50 2.75 1.27
N ILE B 24 -16.87 1.89 2.07
CA ILE B 24 -17.48 1.33 3.26
C ILE B 24 -16.58 1.93 4.37
N ILE B 25 -17.17 2.87 5.13
CA ILE B 25 -16.56 3.39 6.35
C ILE B 25 -17.10 2.62 7.54
N ALA B 26 -16.21 1.92 8.25
CA ALA B 26 -16.53 0.87 9.21
C ALA B 26 -15.55 0.80 10.39
N MET B 27 -16.05 0.98 11.61
CA MET B 27 -15.24 1.03 12.83
C MET B 27 -15.91 0.17 13.92
N GLN B 28 -15.15 -0.74 14.52
CA GLN B 28 -15.59 -1.64 15.58
C GLN B 28 -14.65 -1.39 16.76
N ALA B 29 -15.22 -1.00 17.91
CA ALA B 29 -14.46 -0.90 19.15
C ALA B 29 -14.77 -2.26 19.78
N ALA B 30 -13.74 -3.06 20.01
CA ALA B 30 -13.90 -4.43 20.39
C ALA B 30 -13.08 -4.79 21.59
N TYR B 31 -13.68 -5.29 22.65
CA TYR B 31 -12.89 -5.72 23.78
C TYR B 31 -12.92 -7.23 23.81
N ARG B 32 -11.74 -7.84 23.83
CA ARG B 32 -11.67 -9.30 24.01
C ARG B 32 -11.09 -9.71 25.33
N ASP B 33 -11.55 -10.87 25.78
CA ASP B 33 -11.10 -11.50 27.00
C ASP B 33 -10.82 -12.96 26.65
N TYR B 34 -9.54 -13.29 26.50
CA TYR B 34 -9.05 -14.62 26.16
C TYR B 34 -8.92 -15.49 27.39
N ASP B 35 -9.01 -16.80 27.14
CA ASP B 35 -8.70 -17.84 28.14
C ASP B 35 -7.88 -18.90 27.43
N SER B 36 -6.70 -18.54 26.94
CA SER B 36 -5.78 -19.49 26.30
C SER B 36 -5.20 -20.53 27.29
N GLY B 37 -5.22 -20.26 28.59
CA GLY B 37 -4.49 -21.08 29.54
C GLY B 37 -3.13 -20.55 29.92
N ASP B 38 -2.65 -19.54 29.22
CA ASP B 38 -1.44 -18.79 29.60
C ASP B 38 -1.87 -17.34 29.92
N ALA B 39 -1.54 -16.88 31.13
CA ALA B 39 -1.94 -15.56 31.59
C ALA B 39 -1.37 -14.47 30.68
N LYS B 40 -0.07 -14.53 30.38
CA LYS B 40 0.55 -13.47 29.60
C LYS B 40 -0.06 -13.39 28.20
N GLN B 41 -0.22 -14.56 27.56
CA GLN B 41 -0.87 -14.63 26.24
C GLN B 41 -2.28 -14.04 26.27
N ASP B 42 -3.01 -14.28 27.37
CA ASP B 42 -4.33 -13.64 27.57
C ASP B 42 -4.26 -12.13 27.58
N ASP B 43 -3.27 -11.53 28.28
CA ASP B 43 -3.09 -10.05 28.31
C ASP B 43 -2.71 -9.45 26.94
N ASN B 44 -1.89 -10.21 26.20
CA ASN B 44 -1.37 -9.71 24.95
C ASN B 44 -2.55 -9.54 24.00
N LEU B 45 -3.11 -10.69 23.61
CA LEU B 45 -4.26 -10.84 22.68
C LEU B 45 -5.53 -10.12 23.11
N GLY B 46 -5.81 -10.21 24.39
CA GLY B 46 -6.94 -9.52 24.92
C GLY B 46 -6.69 -8.04 25.12
N GLY B 47 -7.80 -7.34 25.37
CA GLY B 47 -7.84 -5.95 25.70
C GLY B 47 -8.75 -5.26 24.68
N MET B 48 -8.85 -3.94 24.76
CA MET B 48 -9.60 -3.13 23.82
C MET B 48 -8.66 -2.87 22.65
N GLN B 49 -9.24 -2.95 21.44
CA GLN B 49 -8.69 -2.38 20.18
C GLN B 49 -9.75 -1.79 19.25
N LEU B 50 -9.30 -0.99 18.31
CA LEU B 50 -10.19 -0.50 17.28
C LEU B 50 -9.97 -1.35 16.02
N ASN B 51 -11.04 -1.62 15.27
CA ASN B 51 -10.96 -2.48 14.11
C ASN B 51 -11.54 -1.59 13.03
N ASN B 52 -10.66 -0.82 12.38
CA ASN B 52 -11.04 0.11 11.31
C ASN B 52 -10.98 -0.78 10.08
N GLU B 53 -12.15 -1.18 9.63
CA GLU B 53 -12.27 -1.90 8.39
C GLU B 53 -12.76 -0.98 7.28
N SER B 54 -12.55 0.33 7.43
CA SER B 54 -12.94 1.18 6.32
C SER B 54 -12.16 0.76 5.07
N ARG B 55 -12.76 1.00 3.90
CA ARG B 55 -12.08 0.84 2.63
C ARG B 55 -12.61 1.74 1.54
N ILE B 56 -11.69 2.11 0.63
CA ILE B 56 -12.05 2.89 -0.56
C ILE B 56 -11.91 2.01 -1.79
N GLY B 57 -12.79 2.26 -2.76
CA GLY B 57 -12.65 1.65 -4.04
C GLY B 57 -13.01 2.52 -5.22
N PHE B 58 -12.57 2.06 -6.38
CA PHE B 58 -12.86 2.66 -7.65
C PHE B 58 -13.53 1.64 -8.59
N ARG B 59 -14.56 2.09 -9.33
CA ARG B 59 -15.16 1.22 -10.33
C ARG B 59 -15.81 2.01 -11.44
N GLY B 60 -16.02 1.33 -12.58
CA GLY B 60 -16.66 1.93 -13.76
C GLY B 60 -17.18 0.90 -14.76
N LYS B 61 -18.02 1.42 -15.65
CA LYS B 61 -18.59 0.71 -16.81
C LYS B 61 -18.08 1.41 -18.04
N LYS B 62 -18.02 0.73 -19.17
CA LYS B 62 -17.73 1.38 -20.44
C LYS B 62 -18.31 0.59 -21.59
N GLN B 63 -19.13 1.24 -22.43
CA GLN B 63 -19.71 0.62 -23.62
C GLN B 63 -18.68 0.71 -24.74
N PHE B 64 -17.91 -0.35 -25.02
CA PHE B 64 -16.91 -0.28 -26.15
C PHE B 64 -17.63 -0.14 -27.50
N ALA B 65 -17.15 0.72 -28.41
CA ALA B 65 -17.90 0.95 -29.64
C ALA B 65 -17.98 -0.28 -30.52
N ASN B 66 -17.02 -1.20 -30.43
CA ASN B 66 -17.01 -2.41 -31.28
C ASN B 66 -17.27 -3.76 -30.56
N PHE B 67 -18.00 -3.74 -29.47
CA PHE B 67 -18.25 -4.98 -28.71
C PHE B 67 -19.43 -4.73 -27.83
N GLU B 68 -20.48 -5.55 -28.00
CA GLU B 68 -21.78 -5.33 -27.34
C GLU B 68 -21.70 -5.51 -25.82
N PRO B 69 -21.20 -6.66 -25.34
CA PRO B 69 -21.22 -6.85 -23.90
C PRO B 69 -20.43 -5.77 -23.15
N THR B 70 -21.13 -5.03 -22.26
CA THR B 70 -20.56 -3.87 -21.56
C THR B 70 -19.33 -4.25 -20.72
N PHE B 71 -18.25 -3.46 -20.86
CA PHE B 71 -17.02 -3.61 -20.06
C PHE B 71 -17.21 -3.09 -18.60
N ILE B 72 -16.72 -3.84 -17.62
CA ILE B 72 -16.79 -3.43 -16.25
C ILE B 72 -15.49 -3.66 -15.53
N TRP B 73 -15.24 -2.78 -14.55
CA TRP B 73 -14.03 -2.89 -13.76
C TRP B 73 -14.22 -2.39 -12.35
N GLN B 74 -13.37 -2.88 -11.46
CA GLN B 74 -13.28 -2.38 -10.12
C GLN B 74 -11.90 -2.61 -9.51
N ILE B 75 -11.52 -1.71 -8.61
CA ILE B 75 -10.28 -1.79 -7.87
C ILE B 75 -10.61 -1.30 -6.46
N GLU B 76 -10.50 -2.22 -5.49
CA GLU B 76 -10.93 -1.93 -4.13
C GLU B 76 -9.80 -2.10 -3.16
N GLY B 77 -9.67 -1.11 -2.32
CA GLY B 77 -8.62 -1.14 -1.33
C GLY B 77 -9.02 -2.07 -0.21
N GLY B 78 -8.02 -2.53 0.53
CA GLY B 78 -8.23 -3.20 1.77
C GLY B 78 -8.61 -2.32 2.96
N TYR B 79 -9.00 -3.03 4.02
CA TYR B 79 -9.15 -2.43 5.41
C TYR B 79 -7.96 -1.57 5.81
N VAL B 80 -8.19 -0.29 6.04
CA VAL B 80 -7.13 0.63 6.43
C VAL B 80 -6.36 0.40 7.77
N ASP B 81 -7.06 -0.02 8.81
CA ASP B 81 -6.42 -0.22 10.11
C ASP B 81 -7.23 -1.19 10.92
N PRO B 82 -7.14 -2.47 10.56
CA PRO B 82 -7.80 -3.47 11.32
C PRO B 82 -7.11 -3.71 12.65
N SER B 83 -7.83 -4.38 13.51
CA SER B 83 -7.30 -4.81 14.77
C SER B 83 -6.30 -5.89 14.52
N PHE B 84 -5.40 -6.12 15.47
CA PHE B 84 -4.36 -7.17 15.33
C PHE B 84 -3.42 -6.95 14.13
N GLY B 85 -3.44 -5.73 13.59
CA GLY B 85 -2.74 -5.37 12.38
C GLY B 85 -2.35 -3.89 12.35
N GLY B 86 -1.31 -3.67 11.55
CA GLY B 86 -0.74 -2.38 11.25
C GLY B 86 -1.59 -1.56 10.31
N GLU B 87 -1.26 -0.31 10.23
CA GLU B 87 -2.02 0.66 9.46
C GLU B 87 -1.63 0.57 7.98
N GLY B 88 -2.52 1.02 7.09
CA GLY B 88 -2.17 1.10 5.69
C GLY B 88 -2.58 -0.09 4.85
N ALA B 89 -3.30 0.22 3.77
CA ALA B 89 -3.78 -0.76 2.77
C ALA B 89 -3.61 -0.25 1.33
N GLY B 90 -3.29 -1.21 0.48
CA GLY B 90 -3.08 -0.99 -0.95
C GLY B 90 -4.35 -0.98 -1.74
N LEU B 91 -4.31 -0.34 -2.91
CA LEU B 91 -5.40 -0.51 -3.87
C LEU B 91 -5.24 -1.87 -4.48
N GLY B 92 -6.33 -2.63 -4.46
CA GLY B 92 -6.40 -3.97 -5.00
C GLY B 92 -6.48 -5.13 -4.04
N GLU B 93 -6.48 -4.85 -2.72
CA GLU B 93 -6.46 -5.95 -1.73
C GLU B 93 -7.77 -6.72 -1.64
N ARG B 94 -8.87 -6.02 -1.92
CA ARG B 94 -10.21 -6.57 -1.97
C ARG B 94 -10.67 -6.77 -3.43
N ASP B 95 -11.97 -6.93 -3.70
CA ASP B 95 -12.48 -7.28 -5.02
C ASP B 95 -11.93 -6.35 -6.07
N THR B 96 -11.22 -6.95 -7.05
CA THR B 96 -10.42 -6.19 -7.92
C THR B 96 -10.39 -6.96 -9.20
N PHE B 97 -11.07 -6.42 -10.22
CA PHE B 97 -11.32 -7.18 -11.45
C PHE B 97 -11.64 -6.36 -12.70
N VAL B 98 -11.56 -7.02 -13.88
CA VAL B 98 -12.21 -6.54 -15.11
C VAL B 98 -13.27 -7.57 -15.49
N GLY B 99 -14.22 -7.20 -16.35
CA GLY B 99 -15.21 -8.17 -16.80
C GLY B 99 -16.14 -7.69 -17.89
N PHE B 100 -17.11 -8.53 -18.23
CA PHE B 100 -18.12 -8.12 -19.20
C PHE B 100 -19.51 -8.54 -18.74
N GLU B 101 -20.51 -7.77 -19.14
CA GLU B 101 -21.90 -8.06 -18.80
C GLU B 101 -22.83 -7.95 -20.02
N SER B 102 -23.86 -8.80 -20.03
CA SER B 102 -24.85 -8.82 -21.10
C SER B 102 -26.17 -9.24 -20.47
N ALA B 103 -27.27 -8.61 -20.88
CA ALA B 103 -28.57 -8.92 -20.30
C ALA B 103 -28.80 -10.43 -20.35
N SER B 104 -28.60 -11.06 -21.50
CA SER B 104 -29.02 -12.45 -21.64
C SER B 104 -28.12 -13.49 -20.95
N TRP B 105 -26.83 -13.21 -20.74
CA TRP B 105 -25.99 -14.20 -20.02
C TRP B 105 -25.35 -13.79 -18.70
N GLY B 106 -25.66 -12.60 -18.18
CA GLY B 106 -25.26 -12.19 -16.80
C GLY B 106 -23.94 -11.47 -16.82
N GLN B 107 -22.96 -11.91 -16.02
CA GLN B 107 -21.60 -11.37 -16.18
C GLN B 107 -20.49 -12.34 -15.87
N VAL B 108 -19.31 -12.01 -16.40
CA VAL B 108 -18.09 -12.79 -16.18
C VAL B 108 -17.00 -11.80 -15.71
N ARG B 109 -16.25 -12.19 -14.70
CA ARG B 109 -15.20 -11.38 -14.09
C ARG B 109 -13.88 -12.13 -14.06
N LEU B 110 -12.77 -11.42 -14.31
CA LEU B 110 -11.43 -11.97 -14.22
C LEU B 110 -10.65 -11.16 -13.20
N GLY B 111 -10.01 -11.87 -12.28
CA GLY B 111 -9.17 -11.25 -11.30
C GLY B 111 -9.35 -11.78 -9.90
N ARG B 112 -9.70 -10.86 -9.01
CA ARG B 112 -9.71 -11.14 -7.57
C ARG B 112 -11.18 -11.05 -7.08
N VAL B 113 -11.80 -12.21 -6.83
CA VAL B 113 -13.23 -12.23 -6.49
C VAL B 113 -13.52 -13.22 -5.38
N LEU B 114 -14.73 -13.20 -4.84
CA LEU B 114 -15.14 -14.32 -3.95
C LEU B 114 -15.39 -15.65 -4.72
N THR B 115 -14.91 -16.77 -4.18
CA THR B 115 -15.33 -18.09 -4.76
C THR B 115 -16.88 -18.23 -4.50
N PRO B 116 -17.65 -18.94 -5.34
CA PRO B 116 -19.11 -19.05 -5.16
C PRO B 116 -19.57 -19.61 -3.83
N MET B 117 -18.80 -20.58 -3.34
CA MET B 117 -18.98 -21.09 -2.01
C MET B 117 -18.71 -20.02 -0.91
N TYR B 118 -17.53 -19.41 -0.96
CA TYR B 118 -17.12 -18.45 0.06
C TYR B 118 -18.16 -17.38 0.24
N GLU B 119 -18.67 -16.87 -0.87
CA GLU B 119 -19.67 -15.85 -0.78
C GLU B 119 -20.86 -16.23 0.14
N LEU B 120 -21.34 -17.49 0.02
CA LEU B 120 -22.38 -18.07 0.89
C LEU B 120 -21.90 -18.36 2.31
N VAL B 121 -20.65 -18.81 2.46
CA VAL B 121 -20.07 -19.06 3.78
C VAL B 121 -20.06 -17.76 4.59
N ASP B 122 -19.60 -16.68 3.96
CA ASP B 122 -19.48 -15.39 4.59
C ASP B 122 -20.84 -14.76 4.82
N TRP B 123 -21.69 -14.71 3.80
CA TRP B 123 -23.04 -14.17 3.93
C TRP B 123 -24.05 -15.19 3.44
N PRO B 124 -25.08 -15.53 4.27
CA PRO B 124 -25.40 -15.03 5.61
C PRO B 124 -24.62 -15.65 6.77
N ALA B 125 -23.87 -16.70 6.49
CA ALA B 125 -23.54 -17.68 7.51
C ALA B 125 -22.41 -17.32 8.46
N SER B 126 -21.72 -16.21 8.23
CA SER B 126 -20.62 -15.83 9.14
C SER B 126 -20.99 -14.73 10.08
N ASN B 127 -22.21 -14.22 9.95
CA ASN B 127 -22.60 -13.00 10.64
C ASN B 127 -23.70 -13.27 11.71
N PRO B 128 -23.53 -12.69 12.94
CA PRO B 128 -22.47 -11.78 13.39
C PRO B 128 -21.39 -12.47 14.23
N GLY B 129 -20.12 -12.33 13.85
CA GLY B 129 -19.01 -12.82 14.65
C GLY B 129 -18.83 -14.33 14.60
N LEU B 130 -19.41 -14.98 13.60
CA LEU B 130 -19.38 -16.42 13.63
C LEU B 130 -18.26 -16.98 12.82
N GLY B 131 -17.44 -16.08 12.24
CA GLY B 131 -16.44 -16.42 11.26
C GLY B 131 -15.25 -17.18 11.80
N ASP B 132 -14.82 -16.97 13.04
CA ASP B 132 -13.68 -17.72 13.62
C ASP B 132 -13.96 -19.18 13.60
N VAL B 133 -15.23 -19.54 13.63
CA VAL B 133 -15.67 -20.92 13.66
C VAL B 133 -15.99 -21.35 12.25
N TYR B 134 -16.83 -20.56 11.58
CA TYR B 134 -17.47 -21.00 10.35
C TYR B 134 -16.86 -20.53 9.01
N ASP B 135 -16.06 -19.47 9.05
CA ASP B 135 -15.41 -18.86 7.90
C ASP B 135 -14.05 -19.52 7.67
N TRP B 136 -13.05 -19.13 8.45
CA TRP B 136 -11.73 -19.75 8.42
C TRP B 136 -11.50 -20.81 9.50
N GLY B 137 -12.41 -21.02 10.46
CA GLY B 137 -12.26 -22.11 11.46
C GLY B 137 -12.44 -23.50 10.81
N GLY B 138 -11.88 -24.52 11.46
CA GLY B 138 -11.88 -25.90 10.95
C GLY B 138 -10.57 -26.63 11.23
N ALA B 139 -10.62 -27.96 11.31
CA ALA B 139 -9.39 -28.69 11.60
C ALA B 139 -8.92 -29.48 10.40
N ILE B 140 -9.64 -29.38 9.29
CA ILE B 140 -9.32 -30.27 8.20
C ILE B 140 -8.10 -29.80 7.41
N GLY B 141 -7.27 -30.77 7.02
CA GLY B 141 -6.15 -30.59 6.14
C GLY B 141 -6.51 -30.21 4.73
N GLY B 142 -5.47 -29.78 4.02
CA GLY B 142 -5.60 -29.26 2.67
C GLY B 142 -6.20 -27.88 2.77
N ALA B 143 -7.02 -27.53 1.79
CA ALA B 143 -7.65 -26.25 1.76
C ALA B 143 -9.15 -26.46 1.58
N LYS B 144 -9.92 -26.21 2.61
CA LYS B 144 -11.35 -26.49 2.55
C LYS B 144 -12.04 -25.72 1.40
N TYR B 145 -11.59 -24.49 1.18
CA TYR B 145 -12.05 -23.61 0.11
C TYR B 145 -11.17 -22.32 0.11
N GLN B 146 -10.96 -21.70 -1.05
CA GLN B 146 -10.23 -20.44 -1.05
C GLN B 146 -11.38 -19.36 -0.68
N ASP B 147 -11.05 -18.08 -0.38
CA ASP B 147 -12.08 -17.13 0.09
C ASP B 147 -12.24 -15.98 -0.95
N ARG B 148 -11.56 -14.85 -0.73
CA ARG B 148 -11.29 -13.92 -1.79
C ARG B 148 -10.02 -14.48 -2.47
N GLN B 149 -10.03 -14.59 -3.79
CA GLN B 149 -8.96 -15.28 -4.51
C GLN B 149 -8.56 -14.58 -5.81
N SER B 150 -7.24 -14.35 -5.96
CA SER B 150 -6.74 -13.79 -7.21
C SER B 150 -6.67 -14.92 -8.27
N ASN B 151 -6.52 -14.55 -9.53
CA ASN B 151 -6.32 -15.48 -10.63
C ASN B 151 -7.55 -16.35 -10.84
N THR B 152 -8.70 -15.70 -10.82
CA THR B 152 -9.98 -16.37 -10.84
C THR B 152 -10.79 -15.83 -11.99
N ILE B 153 -11.45 -16.73 -12.72
CA ILE B 153 -12.54 -16.33 -13.59
C ILE B 153 -13.89 -16.79 -13.03
N ARG B 154 -14.90 -15.91 -13.09
CA ARG B 154 -16.16 -16.20 -12.49
C ARG B 154 -17.35 -15.64 -13.26
N TRP B 155 -18.30 -16.54 -13.47
CA TRP B 155 -19.53 -16.30 -14.19
C TRP B 155 -20.62 -16.20 -13.12
N ASP B 156 -21.39 -15.11 -13.19
CA ASP B 156 -22.63 -14.90 -12.46
C ASP B 156 -23.75 -14.87 -13.47
N SER B 157 -24.65 -15.85 -13.38
CA SER B 157 -25.76 -15.93 -14.32
C SER B 157 -26.79 -14.86 -13.97
N PRO B 158 -27.66 -14.51 -14.96
CA PRO B 158 -28.86 -13.71 -14.62
C PRO B 158 -29.83 -14.53 -13.71
N MET B 159 -30.85 -13.88 -13.14
CA MET B 159 -31.94 -14.60 -12.44
C MET B 159 -32.92 -15.14 -13.47
N TYR B 160 -32.71 -16.37 -13.93
CA TYR B 160 -33.60 -17.05 -14.89
C TYR B 160 -34.98 -17.14 -14.30
N ALA B 161 -35.98 -16.62 -15.02
CA ALA B 161 -37.38 -16.72 -14.61
C ALA B 161 -37.68 -16.05 -13.25
N ASP B 162 -36.89 -15.05 -12.86
CA ASP B 162 -36.88 -14.48 -11.49
C ASP B 162 -36.63 -15.42 -10.31
N LYS B 163 -36.77 -16.74 -10.49
CA LYS B 163 -36.58 -17.75 -9.44
C LYS B 163 -35.09 -18.15 -9.24
N PHE B 164 -34.31 -18.28 -10.32
CA PHE B 164 -33.12 -19.16 -10.29
C PHE B 164 -31.82 -18.53 -10.81
N SER B 165 -30.68 -18.84 -10.19
CA SER B 165 -29.39 -18.32 -10.65
C SER B 165 -28.16 -19.11 -10.24
N ILE B 166 -27.10 -18.95 -11.03
CA ILE B 166 -25.89 -19.74 -10.88
C ILE B 166 -24.65 -18.86 -10.78
N ASP B 167 -23.72 -19.31 -9.95
CA ASP B 167 -22.43 -18.67 -9.76
C ASP B 167 -21.42 -19.78 -10.02
N ALA B 168 -20.48 -19.55 -10.92
CA ALA B 168 -19.51 -20.57 -11.32
C ALA B 168 -18.12 -19.95 -11.49
N ALA B 169 -17.08 -20.66 -11.06
CA ALA B 169 -15.77 -20.11 -11.09
C ALA B 169 -14.69 -21.17 -11.14
N VAL B 170 -13.53 -20.81 -11.72
CA VAL B 170 -12.29 -21.60 -11.56
C VAL B 170 -11.16 -20.59 -11.38
N GLY B 171 -10.07 -21.03 -10.76
CA GLY B 171 -8.94 -20.16 -10.54
C GLY B 171 -7.70 -20.89 -10.08
N ALA B 172 -6.64 -20.11 -9.94
CA ALA B 172 -5.34 -20.67 -9.55
C ALA B 172 -5.23 -20.64 -8.05
N GLY B 173 -4.34 -21.48 -7.54
CA GLY B 173 -4.07 -21.57 -6.16
C GLY B 173 -3.23 -20.47 -5.59
N ASP B 174 -2.93 -20.63 -4.30
CA ASP B 174 -2.13 -19.64 -3.61
C ASP B 174 -0.70 -19.74 -4.01
N LYS B 175 -0.20 -20.97 -4.08
CA LYS B 175 1.18 -21.11 -4.51
C LYS B 175 1.38 -20.75 -6.02
N ALA B 176 0.40 -21.14 -6.85
CA ALA B 176 0.38 -20.88 -8.29
C ALA B 176 0.42 -19.36 -8.63
N GLY B 177 -0.19 -18.53 -7.78
CA GLY B 177 -0.23 -17.10 -8.02
C GLY B 177 1.11 -16.45 -7.77
N LEU B 178 2.06 -17.19 -7.17
CA LEU B 178 3.47 -16.80 -7.03
C LEU B 178 4.48 -17.76 -7.74
N GLY B 179 4.03 -18.61 -8.69
CA GLY B 179 4.92 -19.57 -9.37
C GLY B 179 5.70 -20.44 -8.43
N ALA B 180 5.08 -20.78 -7.30
CA ALA B 180 5.61 -21.77 -6.33
C ALA B 180 4.72 -23.10 -6.23
N GLY B 181 3.77 -23.30 -7.14
CA GLY B 181 3.10 -24.58 -7.24
C GLY B 181 2.07 -24.67 -8.32
N ASP B 182 1.36 -25.81 -8.34
CA ASP B 182 0.39 -26.11 -9.42
C ASP B 182 -1.02 -26.27 -8.88
N ASP B 183 -1.29 -25.57 -7.77
CA ASP B 183 -2.55 -25.71 -7.05
C ASP B 183 -3.65 -24.92 -7.73
N TYR B 184 -4.85 -25.48 -7.75
CA TYR B 184 -6.01 -24.88 -8.46
C TYR B 184 -7.30 -25.40 -7.85
N TRP B 185 -8.40 -24.80 -8.30
CA TRP B 185 -9.69 -25.11 -7.79
C TRP B 185 -10.78 -24.65 -8.74
N GLY B 186 -11.92 -25.31 -8.62
CA GLY B 186 -13.13 -24.84 -9.25
C GLY B 186 -14.27 -24.94 -8.27
N GLY B 187 -15.34 -24.20 -8.52
CA GLY B 187 -16.56 -24.50 -7.80
C GLY B 187 -17.77 -23.77 -8.34
N ILE B 188 -18.91 -24.03 -7.71
CA ILE B 188 -20.17 -23.64 -8.27
C ILE B 188 -21.18 -23.51 -7.16
N ALA B 189 -22.19 -22.67 -7.39
CA ALA B 189 -23.23 -22.40 -6.42
C ALA B 189 -24.53 -22.08 -7.11
N ALA B 190 -25.65 -22.30 -6.44
CA ALA B 190 -26.95 -22.16 -7.05
C ALA B 190 -27.91 -21.58 -6.02
N HIS B 191 -28.89 -20.82 -6.51
CA HIS B 191 -29.80 -20.01 -5.69
C HIS B 191 -31.22 -20.04 -6.24
N TYR B 192 -32.19 -20.50 -5.42
CA TYR B 192 -33.58 -20.64 -5.83
C TYR B 192 -34.53 -19.87 -4.89
N LYS B 193 -35.36 -18.97 -5.43
CA LYS B 193 -36.35 -18.22 -4.65
C LYS B 193 -37.60 -19.02 -4.66
N LEU B 194 -38.13 -19.36 -3.49
CA LEU B 194 -39.37 -20.14 -3.40
C LEU B 194 -40.25 -19.43 -2.40
N GLY B 195 -41.25 -18.69 -2.86
CA GLY B 195 -42.06 -17.83 -1.96
C GLY B 195 -41.17 -16.87 -1.14
N PRO B 196 -41.24 -16.92 0.22
CA PRO B 196 -40.32 -16.15 1.07
C PRO B 196 -39.01 -16.85 1.41
N LEU B 197 -38.56 -17.80 0.61
CA LEU B 197 -37.34 -18.53 0.94
C LEU B 197 -36.33 -18.34 -0.13
N GLN B 198 -35.07 -18.42 0.28
CA GLN B 198 -34.00 -18.70 -0.68
C GLN B 198 -33.30 -20.01 -0.31
N LEU B 199 -33.16 -20.91 -1.28
CA LEU B 199 -32.46 -22.17 -1.08
C LEU B 199 -31.12 -22.01 -1.79
N ASP B 200 -30.05 -22.36 -1.10
CA ASP B 200 -28.70 -22.21 -1.59
C ASP B 200 -28.01 -23.55 -1.62
N ALA B 201 -27.16 -23.76 -2.62
CA ALA B 201 -26.24 -24.90 -2.64
C ALA B 201 -24.96 -24.50 -3.30
N ALA B 202 -23.86 -25.04 -2.81
CA ALA B 202 -22.59 -24.77 -3.42
C ALA B 202 -21.62 -25.91 -3.25
N TYR B 203 -20.62 -25.92 -4.12
CA TYR B 203 -19.54 -26.92 -4.13
C TYR B 203 -18.22 -26.16 -4.33
N GLU B 204 -17.12 -26.73 -3.82
CA GLU B 204 -15.81 -26.31 -4.28
C GLU B 204 -14.78 -27.42 -4.12
N GLY B 205 -14.06 -27.68 -5.20
CA GLY B 205 -12.95 -28.65 -5.20
C GLY B 205 -11.60 -27.95 -5.33
N ASN B 206 -10.62 -28.39 -4.56
CA ASN B 206 -9.26 -27.85 -4.57
C ASN B 206 -8.30 -28.99 -4.79
N ARG B 207 -7.33 -28.76 -5.68
CA ARG B 207 -6.46 -29.81 -6.15
C ARG B 207 -5.02 -29.30 -6.06
N ASN B 208 -4.10 -30.26 -5.94
CA ASN B 208 -2.67 -30.04 -5.80
C ASN B 208 -2.28 -29.12 -4.64
N ILE B 209 -3.04 -29.12 -3.54
CA ILE B 209 -2.72 -28.34 -2.36
C ILE B 209 -1.57 -29.04 -1.65
N GLU B 210 -0.49 -28.31 -1.37
CA GLU B 210 0.70 -28.88 -0.74
C GLU B 210 0.64 -28.46 0.72
N ALA B 211 0.87 -29.40 1.62
CA ALA B 211 0.71 -29.17 3.05
C ALA B 211 1.13 -30.40 3.83
N GLU B 212 1.78 -30.16 4.94
CA GLU B 212 2.14 -31.22 5.87
C GLU B 212 2.81 -32.40 5.14
N GLY B 213 3.74 -32.12 4.24
CA GLY B 213 4.53 -33.17 3.60
C GLY B 213 3.72 -33.99 2.61
N GLN B 214 2.57 -33.48 2.16
CA GLN B 214 1.66 -34.22 1.27
C GLN B 214 0.97 -33.29 0.28
N THR B 215 0.41 -33.90 -0.76
CA THR B 215 -0.42 -33.20 -1.72
C THR B 215 -1.84 -33.61 -1.39
N TRP B 216 -2.75 -32.63 -1.37
CA TRP B 216 -4.15 -32.87 -0.96
C TRP B 216 -5.13 -32.55 -2.07
N GLU B 217 -6.28 -33.21 -1.98
CA GLU B 217 -7.47 -32.83 -2.72
C GLU B 217 -8.63 -32.63 -1.77
N ASN B 218 -9.32 -31.52 -1.88
CA ASN B 218 -10.43 -31.15 -1.03
C ASN B 218 -11.69 -31.12 -1.82
N ASN B 219 -12.77 -31.54 -1.16
CA ASN B 219 -14.08 -31.41 -1.73
C ASN B 219 -14.99 -31.01 -0.63
N THR B 220 -15.68 -29.88 -0.86
CA THR B 220 -16.49 -29.24 0.17
C THR B 220 -17.90 -28.86 -0.38
N TYR B 221 -18.95 -29.33 0.28
CA TYR B 221 -20.32 -29.15 -0.18
C TYR B 221 -21.15 -28.44 0.87
N LEU B 222 -22.10 -27.62 0.43
CA LEU B 222 -23.00 -26.95 1.34
C LEU B 222 -24.38 -26.65 0.79
N VAL B 223 -25.35 -26.63 1.70
CA VAL B 223 -26.73 -26.29 1.42
C VAL B 223 -27.23 -25.42 2.59
N GLY B 224 -28.16 -24.52 2.29
CA GLY B 224 -28.84 -23.77 3.31
C GLY B 224 -30.12 -23.11 2.87
N VAL B 225 -30.81 -22.49 3.84
CA VAL B 225 -32.08 -21.84 3.62
C VAL B 225 -32.08 -20.47 4.31
N GLN B 226 -32.82 -19.53 3.74
CA GLN B 226 -32.97 -18.21 4.29
C GLN B 226 -34.42 -17.83 4.12
N GLY B 227 -35.04 -17.40 5.22
CA GLY B 227 -36.47 -17.20 5.27
C GLY B 227 -36.93 -15.90 5.87
N TRP B 228 -37.98 -15.31 5.30
CA TRP B 228 -38.58 -14.05 5.70
C TRP B 228 -40.07 -14.23 6.00
N PHE B 229 -40.39 -14.20 7.29
CA PHE B 229 -41.74 -13.84 7.75
C PHE B 229 -42.02 -12.33 7.49
N GLU B 230 -43.30 -12.00 7.39
CA GLU B 230 -43.74 -10.65 7.07
C GLU B 230 -43.98 -9.83 8.30
N ASN B 231 -43.53 -10.28 9.47
CA ASN B 231 -43.70 -9.51 10.69
C ASN B 231 -42.35 -8.99 11.21
N GLY B 232 -41.32 -9.02 10.35
CA GLY B 232 -39.97 -8.66 10.74
C GLY B 232 -39.13 -9.80 11.29
N ILE B 233 -39.67 -11.01 11.27
CA ILE B 233 -38.88 -12.18 11.70
C ILE B 233 -38.21 -12.77 10.47
N SER B 234 -36.93 -13.16 10.59
CA SER B 234 -36.19 -13.85 9.51
C SER B 234 -35.07 -14.73 10.11
N PHE B 235 -34.54 -15.64 9.30
CA PHE B 235 -33.55 -16.60 9.79
C PHE B 235 -32.68 -17.16 8.65
N PHE B 236 -31.64 -17.89 9.03
CA PHE B 236 -30.90 -18.70 8.12
C PHE B 236 -30.39 -19.97 8.85
N ALA B 237 -30.23 -21.06 8.09
CA ALA B 237 -29.39 -22.17 8.52
C ALA B 237 -28.62 -22.72 7.34
N GLN B 238 -27.44 -23.27 7.62
CA GLN B 238 -26.55 -23.74 6.57
C GLN B 238 -25.79 -24.94 7.12
N TYR B 239 -25.61 -25.95 6.28
CA TYR B 239 -24.81 -27.12 6.63
C TYR B 239 -23.69 -27.26 5.58
N LYS B 240 -22.52 -27.72 6.01
CA LYS B 240 -21.28 -27.61 5.24
C LYS B 240 -20.50 -28.84 5.57
N TYR B 241 -20.09 -29.56 4.51
CA TYR B 241 -19.49 -30.91 4.62
C TYR B 241 -18.21 -30.85 3.87
N MET B 242 -17.12 -31.16 4.55
CA MET B 242 -15.77 -30.95 4.05
C MET B 242 -15.04 -32.29 4.04
N GLU B 243 -14.49 -32.67 2.91
CA GLU B 243 -13.70 -33.86 2.82
C GLU B 243 -12.33 -33.48 2.29
N ALA B 244 -11.32 -34.25 2.73
CA ALA B 244 -9.98 -34.11 2.20
C ALA B 244 -9.25 -35.43 2.11
N ASP B 245 -8.49 -35.59 1.03
CA ASP B 245 -7.74 -36.80 0.75
C ASP B 245 -6.30 -36.44 0.47
N ALA B 246 -5.38 -37.16 1.11
CA ALA B 246 -3.96 -36.90 1.01
C ALA B 246 -3.25 -37.92 0.12
N SER B 247 -2.24 -37.48 -0.62
CA SER B 247 -1.42 -38.39 -1.47
C SER B 247 -0.93 -39.69 -0.80
N ASN B 248 -0.78 -39.74 0.53
CA ASN B 248 -0.42 -41.01 1.26
C ASN B 248 -1.62 -41.93 1.60
N GLY B 249 -2.83 -41.60 1.16
CA GLY B 249 -4.03 -42.39 1.43
C GLY B 249 -5.00 -41.85 2.46
N VAL B 250 -4.54 -41.00 3.40
CA VAL B 250 -5.36 -40.57 4.53
C VAL B 250 -6.63 -39.87 4.06
N ASN B 251 -7.74 -40.16 4.70
CA ASN B 251 -8.99 -39.48 4.46
C ASN B 251 -9.32 -38.67 5.69
N GLU B 252 -10.02 -37.56 5.49
CA GLU B 252 -10.48 -36.74 6.58
C GLU B 252 -11.81 -36.16 6.21
N LYS B 253 -12.72 -36.16 7.16
CA LYS B 253 -14.05 -35.61 6.96
C LYS B 253 -14.32 -34.76 8.17
N GLN B 254 -14.94 -33.62 7.93
CA GLN B 254 -15.46 -32.76 8.97
C GLN B 254 -16.64 -31.95 8.48
N ASP B 255 -17.68 -31.84 9.30
CA ASP B 255 -18.87 -31.06 8.97
C ASP B 255 -19.09 -30.00 10.03
N ALA B 256 -20.10 -29.19 9.78
CA ALA B 256 -20.22 -27.90 10.41
C ALA B 256 -21.58 -27.34 10.05
N MET B 257 -22.09 -26.43 10.88
CA MET B 257 -23.40 -25.83 10.68
C MET B 257 -23.40 -24.45 11.33
N SER B 258 -24.19 -23.57 10.74
CA SER B 258 -24.38 -22.20 11.20
C SER B 258 -25.82 -21.81 11.08
N ALA B 259 -26.35 -21.17 12.12
CA ALA B 259 -27.72 -20.69 12.11
C ALA B 259 -27.88 -19.31 12.81
N GLY B 260 -28.85 -18.54 12.31
CA GLY B 260 -29.07 -17.21 12.76
C GLY B 260 -30.51 -16.85 12.76
N LEU B 261 -30.89 -16.02 13.71
CA LEU B 261 -32.28 -15.67 13.99
C LEU B 261 -32.33 -14.15 14.14
N MET B 262 -33.27 -13.50 13.46
CA MET B 262 -33.40 -12.08 13.50
C MET B 262 -34.81 -11.58 13.66
N TYR B 263 -34.93 -10.43 14.29
CA TYR B 263 -36.19 -9.76 14.43
C TYR B 263 -35.94 -8.30 14.15
N THR B 264 -36.58 -7.80 13.12
CA THR B 264 -36.32 -6.48 12.57
C THR B 264 -37.61 -5.71 12.68
N THR B 265 -37.61 -4.66 13.48
CA THR B 265 -38.86 -4.00 13.86
C THR B 265 -38.57 -2.51 13.84
N GLY B 266 -39.29 -1.75 13.02
CA GLY B 266 -38.98 -0.32 12.79
C GLY B 266 -37.50 -0.13 12.51
N ASP B 267 -36.84 0.74 13.29
CA ASP B 267 -35.40 1.02 13.06
C ASP B 267 -34.43 0.06 13.78
N TRP B 268 -34.90 -1.07 14.29
CA TRP B 268 -34.04 -1.93 15.13
C TRP B 268 -33.95 -3.33 14.57
N GLN B 269 -32.83 -4.01 14.85
CA GLN B 269 -32.70 -5.43 14.54
C GLN B 269 -31.96 -6.17 15.63
N TYR B 270 -32.63 -7.15 16.22
CA TYR B 270 -32.03 -8.05 17.20
C TYR B 270 -31.60 -9.28 16.42
N LYS B 271 -30.44 -9.83 16.75
CA LYS B 271 -29.90 -10.96 16.06
C LYS B 271 -29.20 -11.90 17.01
N LEU B 272 -29.50 -13.17 16.82
CA LEU B 272 -28.94 -14.28 17.57
C LEU B 272 -28.28 -15.18 16.51
N GLY B 273 -27.05 -15.64 16.73
CA GLY B 273 -26.38 -16.51 15.75
C GLY B 273 -25.59 -17.56 16.52
N TYR B 274 -25.56 -18.78 16.00
CA TYR B 274 -24.72 -19.83 16.57
C TYR B 274 -24.11 -20.61 15.43
N ALA B 275 -22.83 -21.00 15.56
CA ALA B 275 -22.22 -21.87 14.56
C ALA B 275 -21.17 -22.77 15.17
N ALA B 276 -20.95 -23.93 14.55
CA ALA B 276 -20.11 -24.95 15.14
C ALA B 276 -19.51 -25.84 14.09
N ASN B 277 -18.28 -26.28 14.36
CA ASN B 277 -17.68 -27.33 13.59
C ASN B 277 -17.80 -28.51 14.53
N PHE B 278 -18.20 -29.66 14.01
CA PHE B 278 -18.19 -30.87 14.78
C PHE B 278 -16.83 -31.55 14.71
N ASP B 279 -16.68 -32.58 15.52
CA ASP B 279 -15.42 -33.26 15.65
C ASP B 279 -14.98 -33.74 14.25
N LEU B 280 -13.68 -33.66 14.04
CA LEU B 280 -13.12 -34.11 12.78
C LEU B 280 -12.97 -35.62 12.82
N GLU B 281 -13.12 -36.24 11.67
CA GLU B 281 -12.86 -37.66 11.50
C GLU B 281 -11.67 -37.82 10.57
N ARG B 282 -10.76 -38.74 10.93
CA ARG B 282 -9.66 -39.14 10.07
C ARG B 282 -9.55 -40.65 9.92
N ASP B 283 -9.72 -41.15 8.68
CA ASP B 283 -9.68 -42.57 8.37
C ASP B 283 -10.71 -43.26 9.23
N GLY B 284 -11.87 -42.61 9.36
CA GLY B 284 -12.98 -43.09 10.18
C GLY B 284 -12.88 -43.15 11.70
N LYS B 285 -11.81 -42.63 12.34
CA LYS B 285 -11.81 -42.45 13.81
C LYS B 285 -12.11 -41.00 14.05
N THR B 286 -13.20 -40.66 14.71
CA THR B 286 -13.40 -39.29 15.22
C THR B 286 -12.27 -39.00 16.18
N LEU B 287 -11.81 -37.76 16.22
CA LEU B 287 -10.80 -37.26 17.15
C LEU B 287 -11.50 -36.35 18.15
N SER B 288 -11.31 -36.69 19.43
CA SER B 288 -11.90 -35.97 20.54
C SER B 288 -11.42 -34.50 20.52
N ASN B 289 -12.39 -33.62 20.76
CA ASN B 289 -12.22 -32.23 21.12
C ASN B 289 -11.60 -31.45 19.99
N THR B 290 -12.00 -31.82 18.78
CA THR B 290 -11.59 -31.15 17.58
C THR B 290 -12.68 -30.27 17.08
N SER B 291 -13.79 -30.19 17.81
CA SER B 291 -14.90 -29.28 17.43
C SER B 291 -14.67 -27.85 17.98
N ASP B 292 -15.49 -26.89 17.52
CA ASP B 292 -15.51 -25.50 17.98
C ASP B 292 -16.95 -25.00 17.93
N ASP B 293 -17.30 -24.06 18.79
CA ASP B 293 -18.51 -23.29 18.53
C ASP B 293 -18.45 -21.81 18.93
N VAL B 294 -19.51 -21.11 18.53
CA VAL B 294 -19.71 -19.73 18.85
C VAL B 294 -21.17 -19.34 18.92
N VAL B 295 -21.53 -18.69 20.00
CA VAL B 295 -22.82 -18.03 20.12
C VAL B 295 -22.61 -16.51 20.14
N SER B 296 -23.56 -15.74 19.61
CA SER B 296 -23.37 -14.31 19.42
C SER B 296 -24.68 -13.58 19.41
N ALA B 297 -24.72 -12.41 20.04
CA ALA B 297 -26.00 -11.71 20.22
C ALA B 297 -25.72 -10.33 19.72
N GLN B 298 -26.70 -9.68 19.11
CA GLN B 298 -26.40 -8.40 18.50
C GLN B 298 -27.62 -7.55 18.43
N ILE B 299 -27.48 -6.28 18.81
CA ILE B 299 -28.50 -5.27 18.63
C ILE B 299 -27.96 -4.28 17.55
N MET B 300 -28.80 -3.92 16.60
CA MET B 300 -28.40 -3.05 15.54
C MET B 300 -29.47 -2.01 15.32
N TYR B 301 -29.04 -0.74 15.16
CA TYR B 301 -29.94 0.40 14.95
C TYR B 301 -29.72 0.91 13.56
N PHE B 302 -30.78 1.22 12.83
CA PHE B 302 -30.66 1.69 11.47
C PHE B 302 -30.61 3.20 11.55
N VAL B 303 -29.43 3.70 11.94
CA VAL B 303 -29.25 5.13 12.25
C VAL B 303 -29.48 6.09 11.04
N ASP B 304 -29.31 5.60 9.82
CA ASP B 304 -29.59 6.36 8.55
C ASP B 304 -29.84 5.33 7.44
N PRO B 305 -30.57 5.69 6.35
CA PRO B 305 -30.60 4.74 5.21
C PRO B 305 -29.21 4.20 4.78
N SER B 306 -28.16 5.01 4.87
CA SER B 306 -26.84 4.58 4.49
C SER B 306 -25.95 4.12 5.66
N ALA B 307 -26.49 3.96 6.87
CA ALA B 307 -25.62 3.59 8.01
C ALA B 307 -26.27 2.81 9.13
N VAL B 308 -25.45 2.11 9.91
CA VAL B 308 -25.87 1.39 11.10
C VAL B 308 -24.91 1.48 12.29
N LEU B 309 -25.49 1.55 13.52
CA LEU B 309 -24.77 1.37 14.79
C LEU B 309 -25.11 -0.02 15.30
N TYR B 310 -24.19 -0.67 16.01
CA TYR B 310 -24.45 -2.01 16.52
C TYR B 310 -23.69 -2.32 17.77
N ALA B 311 -24.23 -3.18 18.61
CA ALA B 311 -23.55 -3.64 19.81
C ALA B 311 -23.58 -5.13 19.73
N ARG B 312 -22.56 -5.81 20.21
CA ARG B 312 -22.50 -7.23 20.04
C ARG B 312 -21.60 -7.93 21.03
N ALA B 313 -22.05 -9.08 21.49
CA ALA B 313 -21.32 -9.93 22.41
C ALA B 313 -21.27 -11.37 21.84
N ARG B 314 -20.13 -12.02 21.97
CA ARG B 314 -20.01 -13.34 21.46
C ARG B 314 -18.99 -14.15 22.19
N MET B 315 -19.16 -15.45 22.10
CA MET B 315 -18.38 -16.38 22.92
C MET B 315 -17.90 -17.53 22.05
N ASN B 316 -16.57 -17.65 21.89
CA ASN B 316 -15.97 -18.66 21.08
C ASN B 316 -15.36 -19.70 21.96
N ASP B 317 -15.74 -20.95 21.76
CA ASP B 317 -15.03 -22.06 22.36
C ASP B 317 -14.45 -22.86 21.22
N PHE B 318 -13.12 -22.83 21.12
CA PHE B 318 -12.42 -23.55 20.08
C PHE B 318 -11.94 -24.87 20.57
N ASN B 319 -11.64 -25.72 19.61
CA ASN B 319 -11.03 -27.02 19.79
C ASN B 319 -9.79 -26.90 20.59
N GLU B 320 -9.36 -28.00 21.15
CA GLU B 320 -8.27 -27.96 22.08
C GLU B 320 -7.04 -28.72 21.45
N GLY B 321 -6.88 -28.61 20.11
CA GLY B 321 -5.64 -29.03 19.43
C GLY B 321 -5.61 -30.36 18.66
N LEU B 322 -4.82 -30.41 17.60
CA LEU B 322 -4.58 -31.66 16.85
C LEU B 322 -3.33 -31.56 16.03
N ASP B 323 -2.81 -32.72 15.66
CA ASP B 323 -1.64 -32.83 14.82
C ASP B 323 -2.06 -33.01 13.37
N GLY B 324 -1.31 -32.38 12.45
CA GLY B 324 -1.43 -32.65 11.03
C GLY B 324 -0.58 -33.86 10.72
N LEU B 325 -0.64 -34.28 9.47
CA LEU B 325 0.03 -35.53 9.03
C LEU B 325 1.56 -35.50 9.03
N ASP B 326 2.16 -34.36 9.37
CA ASP B 326 3.62 -34.23 9.51
C ASP B 326 4.04 -34.33 10.97
N ASP B 327 3.16 -34.83 11.84
CA ASP B 327 3.40 -34.91 13.29
C ASP B 327 3.66 -33.55 13.99
N ALA B 328 2.96 -32.49 13.56
CA ALA B 328 3.18 -31.10 14.07
C ALA B 328 1.83 -30.39 14.20
N ALA B 329 1.71 -29.47 15.16
CA ALA B 329 0.41 -28.89 15.45
C ALA B 329 -0.14 -28.32 14.18
N ARG B 330 -1.38 -28.60 13.89
CA ARG B 330 -2.04 -28.03 12.75
C ARG B 330 -2.62 -26.71 13.18
N TRP B 331 -2.18 -25.62 12.62
CA TRP B 331 -2.76 -24.36 12.99
C TRP B 331 -4.28 -24.39 12.68
N THR B 332 -5.09 -23.88 13.59
CA THR B 332 -6.55 -23.65 13.41
C THR B 332 -6.88 -22.30 14.02
N SER B 333 -8.09 -21.80 13.76
CA SER B 333 -8.63 -20.59 14.40
C SER B 333 -8.73 -20.66 15.94
N GLY B 334 -8.30 -21.75 16.53
CA GLY B 334 -8.23 -21.85 17.95
C GLY B 334 -6.85 -21.99 18.52
N THR B 335 -5.83 -22.10 17.69
CA THR B 335 -4.46 -22.11 18.25
C THR B 335 -4.20 -20.95 19.29
N ASN B 336 -4.80 -19.77 19.10
CA ASN B 336 -4.63 -18.63 20.03
C ASN B 336 -5.52 -18.68 21.26
N GLY B 337 -6.53 -19.56 21.28
CA GLY B 337 -7.23 -19.87 22.52
C GLY B 337 -8.66 -19.34 22.52
N ASP B 338 -9.45 -19.84 23.47
CA ASP B 338 -10.86 -19.45 23.61
C ASP B 338 -10.94 -17.97 23.98
N TYR B 339 -11.97 -17.27 23.51
CA TYR B 339 -12.14 -15.86 23.93
C TYR B 339 -13.57 -15.42 23.78
N ASN B 340 -13.95 -14.44 24.61
CA ASN B 340 -15.23 -13.73 24.52
C ASN B 340 -14.99 -12.33 23.99
N GLU B 341 -16.00 -11.68 23.45
CA GLU B 341 -15.82 -10.37 22.90
C GLU B 341 -17.06 -9.55 22.97
N TYR B 342 -16.91 -8.31 23.48
CA TYR B 342 -17.98 -7.30 23.54
C TYR B 342 -17.51 -6.19 22.56
N SER B 343 -18.43 -5.66 21.78
CA SER B 343 -18.09 -4.82 20.63
C SER B 343 -19.24 -3.87 20.42
N VAL B 344 -18.93 -2.64 19.98
CA VAL B 344 -19.88 -1.66 19.43
C VAL B 344 -19.26 -1.08 18.16
N GLY B 345 -20.09 -0.62 17.24
CA GLY B 345 -19.63 -0.36 15.88
C GLY B 345 -20.51 0.50 15.02
N VAL B 346 -19.89 1.08 13.99
CA VAL B 346 -20.57 1.92 12.99
C VAL B 346 -20.17 1.52 11.56
N GLU B 347 -21.12 1.57 10.61
CA GLU B 347 -20.85 1.29 9.19
C GLU B 347 -21.67 2.19 8.31
N TYR B 348 -21.00 2.89 7.41
CA TYR B 348 -21.57 3.92 6.57
C TYR B 348 -21.18 3.55 5.14
N TYR B 349 -22.09 3.76 4.18
CA TYR B 349 -21.98 3.30 2.78
C TYR B 349 -22.19 4.51 1.87
N PHE B 350 -21.25 4.75 0.97
CA PHE B 350 -21.37 5.86 0.01
C PHE B 350 -20.91 5.45 -1.35
N GLU C 10 -24.10 26.55 -7.70
CA GLU C 10 -22.87 25.84 -7.22
C GLU C 10 -22.56 24.59 -8.08
N TYR C 11 -22.79 24.70 -9.38
CA TYR C 11 -22.71 23.56 -10.34
C TYR C 11 -21.25 23.38 -10.78
N LEU C 12 -20.62 22.27 -10.41
CA LEU C 12 -19.19 22.05 -10.68
C LEU C 12 -18.87 22.06 -12.18
N THR C 13 -17.69 22.57 -12.55
CA THR C 13 -17.12 22.40 -13.91
C THR C 13 -15.80 21.62 -13.75
N LYS C 14 -15.14 21.31 -14.86
CA LYS C 14 -13.81 20.65 -14.82
C LYS C 14 -12.78 21.44 -13.94
N ASP C 15 -12.92 22.77 -13.94
CA ASP C 15 -12.06 23.71 -13.18
C ASP C 15 -12.24 23.72 -11.65
N SER C 16 -13.41 23.31 -11.13
CA SER C 16 -13.64 23.23 -9.68
C SER C 16 -12.71 22.24 -8.96
N PHE C 17 -12.16 21.27 -9.69
CA PHE C 17 -11.21 20.32 -9.18
C PHE C 17 -9.79 20.87 -9.29
N SER C 18 -8.93 20.45 -8.36
CA SER C 18 -7.50 20.70 -8.39
C SER C 18 -6.71 19.42 -8.62
N TYR C 19 -7.42 18.35 -8.93
CA TYR C 19 -6.81 17.08 -9.28
C TYR C 19 -7.66 16.39 -10.37
N GLU C 20 -7.04 15.45 -11.07
CA GLU C 20 -7.80 14.48 -11.81
C GLU C 20 -7.31 13.07 -11.46
N VAL C 21 -8.29 12.16 -11.42
CA VAL C 21 -8.07 10.73 -11.27
C VAL C 21 -8.01 10.23 -12.67
N TYR C 22 -7.00 9.41 -12.95
CA TYR C 22 -6.83 8.75 -14.26
C TYR C 22 -6.48 7.31 -14.00
N GLY C 23 -6.57 6.51 -15.03
CA GLY C 23 -6.24 5.09 -14.90
C GLY C 23 -6.05 4.28 -16.16
N ILE C 24 -5.21 3.27 -16.00
CA ILE C 24 -4.95 2.27 -17.01
C ILE C 24 -5.53 1.00 -16.34
N ILE C 25 -6.68 0.55 -16.88
CA ILE C 25 -7.26 -0.75 -16.53
C ILE C 25 -6.78 -1.79 -17.54
N ALA C 26 -6.04 -2.79 -17.04
CA ALA C 26 -5.23 -3.70 -17.84
C ALA C 26 -5.19 -5.14 -17.26
N MET C 27 -5.65 -6.12 -18.02
CA MET C 27 -5.73 -7.52 -17.57
C MET C 27 -5.21 -8.45 -18.71
N GLN C 28 -4.23 -9.31 -18.36
CA GLN C 28 -3.63 -10.27 -19.23
C GLN C 28 -3.87 -11.67 -18.63
N ALA C 29 -4.52 -12.54 -19.38
CA ALA C 29 -4.68 -13.95 -19.01
C ALA C 29 -3.53 -14.59 -19.76
N ALA C 30 -2.58 -15.17 -19.03
CA ALA C 30 -1.32 -15.62 -19.58
C ALA C 30 -1.00 -17.03 -19.21
N TYR C 31 -0.80 -17.92 -20.18
CA TYR C 31 -0.40 -19.25 -19.84
C TYR C 31 1.05 -19.40 -20.20
N ARG C 32 1.88 -19.82 -19.23
CA ARG C 32 3.26 -20.13 -19.52
C ARG C 32 3.57 -21.59 -19.44
N ASP C 33 4.53 -21.99 -20.25
CA ASP C 33 5.04 -23.34 -20.33
C ASP C 33 6.57 -23.23 -20.26
N TYR C 34 7.13 -23.51 -19.09
CA TYR C 34 8.57 -23.48 -18.84
C TYR C 34 9.25 -24.75 -19.24
N ASP C 35 10.54 -24.63 -19.53
CA ASP C 35 11.44 -25.77 -19.76
C ASP C 35 12.73 -25.48 -19.04
N SER C 36 12.68 -25.33 -17.72
CA SER C 36 13.88 -25.14 -16.91
C SER C 36 14.80 -26.36 -16.86
N GLY C 37 14.30 -27.56 -17.16
CA GLY C 37 15.06 -28.78 -16.94
C GLY C 37 14.80 -29.48 -15.62
N ASP C 38 14.00 -28.84 -14.75
CA ASP C 38 13.40 -29.49 -13.58
C ASP C 38 11.88 -29.51 -13.78
N ALA C 39 11.28 -30.71 -13.77
CA ALA C 39 9.85 -30.85 -14.00
C ALA C 39 9.03 -30.09 -12.93
N LYS C 40 9.36 -30.25 -11.65
CA LYS C 40 8.62 -29.58 -10.60
C LYS C 40 8.67 -28.05 -10.74
N GLN C 41 9.86 -27.52 -10.96
CA GLN C 41 10.04 -26.07 -11.21
C GLN C 41 9.20 -25.60 -12.40
N ASP C 42 9.13 -26.41 -13.44
CA ASP C 42 8.24 -26.13 -14.58
C ASP C 42 6.78 -26.02 -14.18
N ASP C 43 6.27 -26.93 -13.34
CA ASP C 43 4.86 -26.86 -12.83
C ASP C 43 4.57 -25.65 -11.96
N ASN C 44 5.57 -25.27 -11.16
CA ASN C 44 5.39 -24.17 -10.22
C ASN C 44 5.15 -22.91 -11.02
N LEU C 45 6.23 -22.49 -11.69
CA LEU C 45 6.33 -21.26 -12.55
C LEU C 45 5.35 -21.20 -13.70
N GLY C 46 5.18 -22.35 -14.33
CA GLY C 46 4.21 -22.46 -15.38
C GLY C 46 2.80 -22.57 -14.90
N GLY C 47 1.88 -22.39 -15.84
CA GLY C 47 0.46 -22.59 -15.66
C GLY C 47 -0.23 -21.31 -16.09
N MET C 48 -1.56 -21.25 -15.95
CA MET C 48 -2.33 -20.06 -16.22
C MET C 48 -2.24 -19.19 -14.97
N GLN C 49 -2.09 -17.89 -15.18
CA GLN C 49 -2.34 -16.79 -14.19
C GLN C 49 -2.96 -15.54 -14.79
N LEU C 50 -3.52 -14.71 -13.94
CA LEU C 50 -4.01 -13.44 -14.41
C LEU C 50 -2.96 -12.37 -14.05
N ASN C 51 -2.78 -11.35 -14.90
CA ASN C 51 -1.75 -10.35 -14.69
C ASN C 51 -2.54 -9.06 -14.75
N ASN C 52 -3.01 -8.64 -13.57
CA ASN C 52 -3.80 -7.41 -13.44
C ASN C 52 -2.76 -6.35 -13.24
N GLU C 53 -2.51 -5.60 -14.30
CA GLU C 53 -1.63 -4.46 -14.22
C GLU C 53 -2.44 -3.18 -14.19
N SER C 54 -3.72 -3.26 -13.73
CA SER C 54 -4.44 -2.02 -13.62
C SER C 54 -3.67 -1.09 -12.65
N ARG C 55 -3.85 0.22 -12.85
CA ARG C 55 -3.37 1.22 -11.89
C ARG C 55 -4.19 2.49 -11.88
N ILE C 56 -4.24 3.10 -10.69
CA ILE C 56 -4.88 4.41 -10.55
C ILE C 56 -3.82 5.46 -10.27
N GLY C 57 -4.05 6.66 -10.79
CA GLY C 57 -3.24 7.79 -10.43
C GLY C 57 -3.97 9.10 -10.26
N PHE C 58 -3.27 10.03 -9.62
CA PHE C 58 -3.72 11.38 -9.40
C PHE C 58 -2.71 12.39 -10.00
N ARG C 59 -3.22 13.43 -10.67
CA ARG C 59 -2.32 14.49 -11.14
C ARG C 59 -3.04 15.80 -11.31
N GLY C 60 -2.24 16.89 -11.31
CA GLY C 60 -2.76 18.26 -11.49
C GLY C 60 -1.69 19.26 -11.88
N LYS C 61 -2.20 20.41 -12.32
CA LYS C 61 -1.45 21.63 -12.68
C LYS C 61 -1.83 22.71 -11.69
N LYS C 62 -0.99 23.71 -11.52
CA LYS C 62 -1.36 24.86 -10.70
C LYS C 62 -0.53 26.08 -11.08
N GLN C 63 -1.18 27.17 -11.48
CA GLN C 63 -0.51 28.42 -11.81
C GLN C 63 -0.25 29.19 -10.52
N PHE C 64 0.96 29.12 -9.92
CA PHE C 64 1.21 29.90 -8.66
C PHE C 64 1.18 31.43 -8.97
N ALA C 65 0.56 32.23 -8.10
CA ALA C 65 0.43 33.65 -8.41
C ALA C 65 1.76 34.38 -8.52
N ASN C 66 2.79 33.93 -7.79
CA ASN C 66 4.10 34.62 -7.77
C ASN C 66 5.27 33.89 -8.49
N PHE C 67 4.96 33.04 -9.46
CA PHE C 67 6.02 32.29 -10.16
C PHE C 67 5.43 31.84 -11.47
N GLU C 68 6.06 32.22 -12.57
CA GLU C 68 5.52 32.05 -13.92
C GLU C 68 5.47 30.56 -14.34
N PRO C 69 6.61 29.84 -14.26
CA PRO C 69 6.56 28.48 -14.74
C PRO C 69 5.52 27.63 -13.99
N THR C 70 4.55 27.07 -14.73
CA THR C 70 3.40 26.34 -14.15
C THR C 70 3.83 25.13 -13.34
N PHE C 71 3.29 24.99 -12.13
CA PHE C 71 3.53 23.84 -11.24
C PHE C 71 2.77 22.56 -11.72
N ILE C 72 3.45 21.42 -11.69
CA ILE C 72 2.82 20.17 -12.04
C ILE C 72 3.15 19.07 -11.05
N TRP C 73 2.19 18.16 -10.88
CA TRP C 73 2.39 17.04 -9.98
C TRP C 73 1.64 15.80 -10.43
N GLN C 74 2.15 14.66 -10.00
CA GLN C 74 1.48 13.40 -10.21
C GLN C 74 1.85 12.38 -9.14
N ILE C 75 0.90 11.50 -8.84
CA ILE C 75 1.11 10.42 -7.88
C ILE C 75 0.37 9.22 -8.48
N GLU C 76 1.13 8.18 -8.83
CA GLU C 76 0.56 7.04 -9.56
C GLU C 76 0.76 5.76 -8.79
N GLY C 77 -0.32 5.01 -8.67
CA GLY C 77 -0.24 3.75 -7.98
C GLY C 77 0.44 2.72 -8.87
N GLY C 78 0.97 1.69 -8.24
CA GLY C 78 1.40 0.50 -8.92
C GLY C 78 0.30 -0.43 -9.42
N TYR C 79 0.75 -1.39 -10.24
CA TYR C 79 -0.06 -2.59 -10.62
C TYR C 79 -0.74 -3.27 -9.43
N VAL C 80 -2.06 -3.30 -9.41
CA VAL C 80 -2.80 -3.88 -8.32
C VAL C 80 -2.67 -5.40 -8.03
N ASP C 81 -2.55 -6.23 -9.06
CA ASP C 81 -2.46 -7.67 -8.86
C ASP C 81 -1.78 -8.29 -10.06
N PRO C 82 -0.46 -8.12 -10.14
CA PRO C 82 0.26 -8.75 -11.19
C PRO C 82 0.39 -10.24 -10.96
N SER C 83 0.77 -10.92 -12.02
CA SER C 83 1.09 -12.33 -11.97
C SER C 83 2.37 -12.47 -11.20
N PHE C 84 2.62 -13.65 -10.68
CA PHE C 84 3.83 -13.92 -9.87
C PHE C 84 3.94 -13.05 -8.60
N GLY C 85 2.83 -12.43 -8.22
CA GLY C 85 2.80 -11.48 -7.13
C GLY C 85 1.43 -11.40 -6.46
N GLY C 86 1.52 -10.91 -5.22
CA GLY C 86 0.40 -10.69 -4.32
C GLY C 86 -0.40 -9.46 -4.66
N GLU C 87 -1.56 -9.37 -4.06
CA GLU C 87 -2.51 -8.30 -4.37
C GLU C 87 -2.12 -7.02 -3.63
N GLY C 88 -2.56 -5.87 -4.12
CA GLY C 88 -2.32 -4.63 -3.40
C GLY C 88 -1.13 -3.83 -3.86
N ALA C 89 -1.40 -2.58 -4.24
CA ALA C 89 -0.36 -1.56 -4.52
C ALA C 89 -0.59 -0.22 -3.81
N GLY C 90 0.51 0.39 -3.47
CA GLY C 90 0.55 1.73 -2.84
C GLY C 90 0.45 2.86 -3.84
N LEU C 91 0.04 4.01 -3.33
CA LEU C 91 0.17 5.25 -4.06
C LEU C 91 1.60 5.63 -4.07
N GLY C 92 2.09 5.92 -5.28
CA GLY C 92 3.49 6.33 -5.51
C GLY C 92 4.44 5.31 -6.10
N GLU C 93 3.95 4.10 -6.43
CA GLU C 93 4.87 3.04 -6.89
C GLU C 93 5.36 3.26 -8.33
N ARG C 94 4.52 3.91 -9.13
CA ARG C 94 4.82 4.33 -10.48
C ARG C 94 5.16 5.85 -10.55
N ASP C 95 5.14 6.47 -11.74
CA ASP C 95 5.61 7.83 -11.91
C ASP C 95 4.96 8.77 -10.91
N THR C 96 5.81 9.42 -10.13
CA THR C 96 5.36 10.08 -8.95
C THR C 96 6.31 11.23 -8.74
N PHE C 97 5.82 12.43 -9.02
CA PHE C 97 6.70 13.61 -9.08
C PHE C 97 6.03 14.99 -8.83
N VAL C 98 6.87 15.99 -8.57
CA VAL C 98 6.48 17.41 -8.73
C VAL C 98 7.33 18.00 -9.85
N GLY C 99 6.93 19.13 -10.42
CA GLY C 99 7.78 19.80 -11.39
C GLY C 99 7.32 21.15 -11.87
N PHE C 100 7.99 21.68 -12.88
CA PHE C 100 7.59 22.96 -13.48
C PHE C 100 7.67 22.90 -14.98
N GLU C 101 6.82 23.68 -15.65
CA GLU C 101 6.79 23.75 -17.10
C GLU C 101 6.72 25.20 -17.62
N SER C 102 7.35 25.45 -18.77
CA SER C 102 7.38 26.77 -19.40
C SER C 102 7.45 26.52 -20.90
N ALA C 103 6.71 27.31 -21.68
CA ALA C 103 6.70 27.13 -23.13
C ALA C 103 8.13 27.09 -23.66
N SER C 104 8.96 28.05 -23.27
CA SER C 104 10.27 28.19 -23.90
C SER C 104 11.33 27.15 -23.48
N TRP C 105 11.24 26.57 -22.29
CA TRP C 105 12.23 25.54 -21.91
C TRP C 105 11.72 24.14 -21.60
N GLY C 106 10.42 23.87 -21.79
CA GLY C 106 9.88 22.48 -21.70
C GLY C 106 9.43 22.16 -20.30
N GLN C 107 9.91 21.07 -19.70
CA GLN C 107 9.62 20.85 -18.27
C GLN C 107 10.71 20.10 -17.52
N VAL C 108 10.68 20.27 -16.20
CA VAL C 108 11.62 19.63 -15.29
C VAL C 108 10.78 18.94 -14.17
N ARG C 109 11.15 17.71 -13.84
CA ARG C 109 10.45 16.91 -12.85
C ARG C 109 11.42 16.40 -11.79
N LEU C 110 10.96 16.34 -10.53
CA LEU C 110 11.73 15.84 -9.42
C LEU C 110 10.93 14.71 -8.79
N GLY C 111 11.60 13.57 -8.63
CA GLY C 111 11.00 12.44 -7.97
C GLY C 111 11.27 11.12 -8.63
N ARG C 112 10.19 10.47 -9.03
CA ARG C 112 10.22 9.08 -9.51
C ARG C 112 9.81 9.07 -10.97
N VAL C 113 10.77 8.90 -11.86
CA VAL C 113 10.49 9.01 -13.32
C VAL C 113 11.23 7.93 -14.09
N LEU C 114 10.90 7.78 -15.36
CA LEU C 114 11.78 6.97 -16.21
C LEU C 114 13.15 7.66 -16.53
N THR C 115 14.26 6.91 -16.48
CA THR C 115 15.53 7.44 -16.98
C THR C 115 15.34 7.66 -18.55
N PRO C 116 16.05 8.63 -19.17
CA PRO C 116 15.84 8.89 -20.62
C PRO C 116 16.12 7.72 -21.53
N MET C 117 17.12 6.95 -21.15
CA MET C 117 17.38 5.69 -21.82
C MET C 117 16.24 4.66 -21.65
N TYR C 118 15.87 4.40 -20.39
CA TYR C 118 14.86 3.38 -20.10
C TYR C 118 13.61 3.63 -20.88
N GLU C 119 13.18 4.88 -20.93
CA GLU C 119 11.98 5.20 -21.67
C GLU C 119 12.00 4.66 -23.12
N LEU C 120 13.16 4.79 -23.80
CA LEU C 120 13.39 4.22 -25.17
C LEU C 120 13.54 2.69 -25.17
N VAL C 121 14.16 2.13 -24.12
CA VAL C 121 14.32 0.68 -24.00
C VAL C 121 12.93 0.04 -23.91
N ASP C 122 12.07 0.61 -23.08
CA ASP C 122 10.73 0.11 -22.86
C ASP C 122 9.84 0.36 -24.05
N TRP C 123 9.80 1.58 -24.56
CA TRP C 123 9.00 1.92 -25.74
C TRP C 123 9.90 2.58 -26.78
N PRO C 124 9.91 2.08 -28.03
CA PRO C 124 9.17 0.92 -28.59
C PRO C 124 9.72 -0.45 -28.32
N ALA C 125 10.92 -0.50 -27.77
CA ALA C 125 11.79 -1.68 -27.94
C ALA C 125 11.49 -2.90 -27.05
N SER C 126 10.57 -2.77 -26.11
CA SER C 126 10.26 -3.93 -25.25
C SER C 126 8.98 -4.60 -25.62
N ASN C 127 8.29 -4.08 -26.64
CA ASN C 127 6.92 -4.50 -26.92
C ASN C 127 6.81 -5.21 -28.29
N PRO C 128 6.09 -6.37 -28.35
CA PRO C 128 5.32 -7.03 -27.26
C PRO C 128 6.05 -8.21 -26.61
N GLY C 129 6.19 -8.22 -25.30
CA GLY C 129 6.76 -9.36 -24.60
C GLY C 129 8.26 -9.50 -24.73
N LEU C 130 8.94 -8.47 -25.14
CA LEU C 130 10.35 -8.63 -25.45
C LEU C 130 11.24 -8.25 -24.30
N GLY C 131 10.61 -7.87 -23.19
CA GLY C 131 11.28 -7.28 -22.05
C GLY C 131 12.16 -8.23 -21.26
N ASP C 132 11.83 -9.52 -21.15
CA ASP C 132 12.67 -10.47 -20.40
C ASP C 132 14.06 -10.51 -21.00
N VAL C 133 14.15 -10.19 -22.27
CA VAL C 133 15.41 -10.18 -23.01
C VAL C 133 15.99 -8.80 -23.01
N TYR C 134 15.18 -7.84 -23.43
CA TYR C 134 15.68 -6.52 -23.78
C TYR C 134 15.53 -5.39 -22.72
N ASP C 135 14.63 -5.58 -21.76
CA ASP C 135 14.32 -4.60 -20.70
C ASP C 135 15.26 -4.85 -19.50
N TRP C 136 14.95 -5.85 -18.68
CA TRP C 136 15.78 -6.30 -17.58
C TRP C 136 16.69 -7.48 -17.92
N GLY C 137 16.58 -8.15 -19.07
CA GLY C 137 17.51 -9.22 -19.44
C GLY C 137 18.91 -8.73 -19.74
N GLY C 138 19.91 -9.59 -19.62
CA GLY C 138 21.34 -9.24 -19.77
C GLY C 138 22.23 -9.96 -18.79
N ALA C 139 23.49 -10.15 -19.11
CA ALA C 139 24.38 -10.88 -18.21
C ALA C 139 25.41 -9.95 -17.63
N ILE C 140 25.37 -8.68 -17.98
CA ILE C 140 26.46 -7.82 -17.59
C ILE C 140 26.35 -7.38 -16.12
N GLY C 141 27.51 -7.36 -15.46
CA GLY C 141 27.66 -6.84 -14.14
C GLY C 141 27.44 -5.34 -13.98
N GLY C 142 27.33 -4.95 -12.72
CA GLY C 142 27.00 -3.59 -12.35
C GLY C 142 25.53 -3.36 -12.63
N ALA C 143 25.19 -2.17 -13.05
CA ALA C 143 23.84 -1.80 -13.37
C ALA C 143 23.80 -1.22 -14.77
N LYS C 144 23.26 -1.95 -15.72
CA LYS C 144 23.27 -1.48 -17.10
C LYS C 144 22.60 -0.10 -17.26
N TYR C 145 21.53 0.09 -16.52
CA TYR C 145 20.77 1.34 -16.46
C TYR C 145 19.67 1.20 -15.38
N GLN C 146 19.29 2.29 -14.72
CA GLN C 146 18.21 2.19 -13.77
C GLN C 146 16.88 2.29 -14.70
N ASP C 147 15.67 2.08 -14.20
CA ASP C 147 14.48 2.00 -15.10
C ASP C 147 13.48 3.12 -14.70
N ARG C 148 12.49 2.81 -13.87
CA ARG C 148 11.76 3.79 -13.11
C ARG C 148 12.62 3.99 -11.86
N GLN C 149 12.92 5.25 -11.53
CA GLN C 149 13.91 5.53 -10.49
C GLN C 149 13.50 6.72 -9.63
N SER C 150 13.53 6.50 -8.30
CA SER C 150 13.25 7.61 -7.37
C SER C 150 14.54 8.48 -7.26
N ASN C 151 14.40 9.66 -6.68
CA ASN C 151 15.53 10.56 -6.41
C ASN C 151 16.16 11.03 -7.69
N THR C 152 15.33 11.43 -8.64
CA THR C 152 15.75 11.77 -9.97
C THR C 152 15.27 13.15 -10.30
N ILE C 153 16.12 13.98 -10.89
CA ILE C 153 15.67 15.19 -11.57
C ILE C 153 15.81 15.02 -13.10
N ARG C 154 14.77 15.45 -13.83
CA ARG C 154 14.74 15.24 -15.24
C ARG C 154 14.09 16.38 -16.02
N TRP C 155 14.81 16.78 -17.05
CA TRP C 155 14.48 17.85 -17.94
C TRP C 155 14.02 17.20 -19.24
N ASP C 156 12.84 17.59 -19.69
CA ASP C 156 12.29 17.28 -21.01
C ASP C 156 12.22 18.60 -21.79
N SER C 157 12.98 18.68 -22.87
CA SER C 157 13.02 19.89 -23.67
C SER C 157 11.73 20.00 -24.49
N PRO C 158 11.40 21.24 -24.97
CA PRO C 158 10.35 21.36 -25.99
C PRO C 158 10.82 20.69 -27.31
N MET C 159 9.90 20.51 -28.29
CA MET C 159 10.28 20.10 -29.65
C MET C 159 10.77 21.35 -30.38
N TYR C 160 12.10 21.61 -30.33
CA TYR C 160 12.73 22.73 -31.03
C TYR C 160 12.47 22.60 -32.50
N ALA C 161 11.89 23.64 -33.12
CA ALA C 161 11.68 23.66 -34.58
C ALA C 161 10.76 22.53 -35.09
N ASP C 162 9.87 22.01 -34.24
CA ASP C 162 9.10 20.77 -34.48
C ASP C 162 9.88 19.47 -34.78
N LYS C 163 11.18 19.57 -35.16
CA LYS C 163 12.03 18.44 -35.49
C LYS C 163 12.66 17.74 -34.26
N PHE C 164 13.09 18.51 -33.25
CA PHE C 164 14.18 18.05 -32.37
C PHE C 164 13.91 18.19 -30.86
N SER C 165 14.34 17.23 -30.05
CA SER C 165 14.11 17.31 -28.60
C SER C 165 15.03 16.46 -27.73
N ILE C 166 15.16 16.89 -26.47
CA ILE C 166 16.14 16.31 -25.56
C ILE C 166 15.48 15.91 -24.24
N ASP C 167 15.96 14.81 -23.68
CA ASP C 167 15.54 14.29 -22.39
C ASP C 167 16.84 14.13 -21.62
N ALA C 168 16.95 14.74 -20.44
CA ALA C 168 18.18 14.73 -19.65
C ALA C 168 17.88 14.54 -18.18
N ALA C 169 18.70 13.77 -17.47
CA ALA C 169 18.39 13.42 -16.11
C ALA C 169 19.62 13.02 -15.32
N VAL C 170 19.57 13.25 -14.00
CA VAL C 170 20.52 12.66 -13.06
C VAL C 170 19.72 12.26 -11.84
N GLY C 171 20.23 11.29 -11.08
CA GLY C 171 19.55 10.81 -9.90
C GLY C 171 20.42 9.96 -9.04
N ALA C 172 19.87 9.60 -7.90
CA ALA C 172 20.58 8.79 -6.89
C ALA C 172 20.33 7.31 -7.22
N GLY C 173 21.22 6.49 -6.70
CA GLY C 173 21.14 5.10 -6.83
C GLY C 173 20.13 4.40 -5.97
N ASP C 174 20.13 3.09 -6.07
CA ASP C 174 19.22 2.27 -5.30
C ASP C 174 19.67 2.19 -3.88
N LYS C 175 20.97 1.99 -3.67
CA LYS C 175 21.44 1.98 -2.31
C LYS C 175 21.34 3.40 -1.61
N ALA C 176 21.67 4.44 -2.38
CA ALA C 176 21.64 5.85 -1.94
C ALA C 176 20.24 6.30 -1.50
N GLY C 177 19.19 5.77 -2.13
CA GLY C 177 17.82 6.16 -1.78
C GLY C 177 17.37 5.57 -0.47
N LEU C 178 18.17 4.66 0.10
CA LEU C 178 18.02 4.12 1.45
C LEU C 178 19.24 4.39 2.37
N GLY C 179 20.13 5.34 2.05
CA GLY C 179 21.32 5.64 2.88
C GLY C 179 22.17 4.43 3.15
N ALA C 180 22.21 3.51 2.19
CA ALA C 180 23.10 2.33 2.22
C ALA C 180 24.22 2.35 1.09
N GLY C 181 24.41 3.47 0.41
CA GLY C 181 25.59 3.63 -0.46
C GLY C 181 25.63 4.97 -1.16
N ASP C 182 26.61 5.12 -2.05
CA ASP C 182 26.88 6.40 -2.74
C ASP C 182 26.68 6.28 -4.25
N ASP C 183 25.77 5.40 -4.66
CA ASP C 183 25.58 5.08 -6.06
C ASP C 183 24.72 6.16 -6.73
N TYR C 184 25.06 6.48 -7.97
CA TYR C 184 24.38 7.55 -8.73
C TYR C 184 24.55 7.32 -10.21
N TRP C 185 23.83 8.13 -10.98
CA TRP C 185 23.81 8.00 -12.40
C TRP C 185 23.33 9.27 -13.06
N GLY C 186 23.75 9.44 -14.31
CA GLY C 186 23.18 10.45 -15.17
C GLY C 186 22.92 9.83 -16.53
N GLY C 187 22.04 10.45 -17.30
CA GLY C 187 21.98 10.11 -18.70
C GLY C 187 21.15 11.06 -19.52
N ILE C 188 21.13 10.79 -20.83
CA ILE C 188 20.58 11.74 -21.76
C ILE C 188 20.07 10.99 -22.98
N ALA C 189 19.11 11.59 -23.67
CA ALA C 189 18.51 11.00 -24.86
C ALA C 189 18.05 12.09 -25.81
N ALA C 190 17.95 11.76 -27.09
CA ALA C 190 17.73 12.76 -28.11
C ALA C 190 16.85 12.15 -29.18
N HIS C 191 16.00 12.98 -29.81
CA HIS C 191 14.92 12.57 -30.70
C HIS C 191 14.81 13.52 -31.89
N TYR C 192 14.97 13.00 -33.13
CA TYR C 192 14.89 13.79 -34.35
C TYR C 192 13.81 13.26 -35.31
N LYS C 193 12.84 14.10 -35.69
CA LYS C 193 11.78 13.72 -36.64
C LYS C 193 12.26 14.07 -37.98
N LEU C 194 12.30 13.11 -38.88
CA LEU C 194 12.84 13.34 -40.24
C LEU C 194 11.87 12.69 -41.19
N GLY C 195 11.01 13.50 -41.84
CA GLY C 195 9.90 12.98 -42.63
C GLY C 195 9.04 11.99 -41.81
N PRO C 196 8.86 10.73 -42.28
CA PRO C 196 8.19 9.68 -41.50
C PRO C 196 9.07 8.90 -40.54
N LEU C 197 10.20 9.44 -40.10
CA LEU C 197 11.08 8.71 -39.22
C LEU C 197 11.24 9.43 -37.93
N GLN C 198 11.49 8.65 -36.88
CA GLN C 198 12.15 9.20 -35.70
C GLN C 198 13.49 8.51 -35.46
N LEU C 199 14.53 9.32 -35.25
CA LEU C 199 15.85 8.80 -34.91
C LEU C 199 16.02 9.07 -33.43
N ASP C 200 16.47 8.05 -32.70
CA ASP C 200 16.64 8.12 -31.26
C ASP C 200 18.08 7.82 -30.92
N ALA C 201 18.60 8.51 -29.91
CA ALA C 201 19.88 8.13 -29.29
C ALA C 201 19.79 8.40 -27.80
N ALA C 202 20.46 7.56 -27.02
CA ALA C 202 20.51 7.77 -25.61
C ALA C 202 21.76 7.20 -25.00
N TYR C 203 22.09 7.74 -23.83
CA TYR C 203 23.25 7.31 -23.04
C TYR C 203 22.78 7.17 -21.57
N GLU C 204 23.44 6.30 -20.80
CA GLU C 204 23.36 6.39 -19.36
C GLU C 204 24.59 5.82 -18.69
N GLY C 205 25.16 6.61 -17.78
CA GLY C 205 26.30 6.19 -16.95
C GLY C 205 25.89 5.98 -15.50
N ASN C 206 26.39 4.90 -14.89
CA ASN C 206 26.08 4.57 -13.49
C ASN C 206 27.39 4.37 -12.76
N ARG C 207 27.46 4.93 -11.56
CA ARG C 207 28.72 5.03 -10.84
C ARG C 207 28.51 4.57 -9.41
N ASN C 208 29.57 4.08 -8.79
CA ASN C 208 29.61 3.53 -7.44
C ASN C 208 28.59 2.41 -7.19
N ILE C 209 28.31 1.58 -8.21
CA ILE C 209 27.40 0.44 -8.07
C ILE C 209 28.18 -0.65 -7.36
N GLU C 210 27.63 -1.17 -6.26
CA GLU C 210 28.32 -2.19 -5.45
C GLU C 210 27.68 -3.50 -5.82
N ALA C 211 28.47 -4.52 -6.09
CA ALA C 211 27.98 -5.83 -6.55
C ALA C 211 29.12 -6.82 -6.62
N GLU C 212 28.82 -8.05 -6.23
CA GLU C 212 29.74 -9.14 -6.38
C GLU C 212 31.15 -8.78 -5.82
N GLY C 213 31.18 -8.15 -4.64
CA GLY C 213 32.43 -7.88 -3.96
C GLY C 213 33.27 -6.80 -4.64
N GLN C 214 32.64 -5.98 -5.50
CA GLN C 214 33.34 -4.94 -6.26
C GLN C 214 32.47 -3.69 -6.41
N THR C 215 33.11 -2.59 -6.77
CA THR C 215 32.46 -1.36 -7.14
C THR C 215 32.54 -1.28 -8.66
N TRP C 216 31.42 -0.95 -9.32
CA TRP C 216 31.34 -0.90 -10.76
C TRP C 216 31.03 0.48 -11.30
N GLU C 217 31.45 0.69 -12.54
CA GLU C 217 30.97 1.79 -13.37
C GLU C 217 30.41 1.25 -14.68
N ASN C 218 29.21 1.67 -15.04
CA ASN C 218 28.53 1.22 -16.23
C ASN C 218 28.43 2.34 -17.21
N ASN C 219 28.53 2.01 -18.49
CA ASN C 219 28.23 2.95 -19.54
C ASN C 219 27.49 2.22 -20.60
N THR C 220 26.31 2.74 -20.92
CA THR C 220 25.39 2.09 -21.84
C THR C 220 24.85 3.08 -22.93
N TYR C 221 25.03 2.73 -24.20
CA TYR C 221 24.68 3.61 -25.32
C TYR C 221 23.67 2.91 -26.21
N LEU C 222 22.78 3.70 -26.83
CA LEU C 222 21.85 3.18 -27.79
C LEU C 222 21.41 4.16 -28.86
N VAL C 223 21.04 3.58 -30.00
CA VAL C 223 20.48 4.29 -31.14
C VAL C 223 19.36 3.41 -31.70
N GLY C 224 18.38 4.07 -32.33
CA GLY C 224 17.34 3.36 -33.05
C GLY C 224 16.59 4.22 -34.03
N VAL C 225 15.75 3.54 -34.82
CA VAL C 225 14.91 4.22 -35.81
C VAL C 225 13.48 3.71 -35.71
N GLN C 226 12.52 4.57 -36.03
CA GLN C 226 11.12 4.21 -36.02
C GLN C 226 10.50 4.84 -37.22
N GLY C 227 9.83 4.01 -38.04
CA GLY C 227 9.31 4.46 -39.31
C GLY C 227 7.85 4.15 -39.57
N TRP C 228 7.18 5.06 -40.26
CA TRP C 228 5.77 5.00 -40.65
C TRP C 228 5.62 5.17 -42.15
N PHE C 229 5.33 4.05 -42.81
CA PHE C 229 4.71 4.08 -44.13
C PHE C 229 3.23 4.54 -44.01
N GLU C 230 2.69 5.03 -45.11
CA GLU C 230 1.35 5.59 -45.14
C GLU C 230 0.29 4.58 -45.48
N ASN C 231 0.63 3.30 -45.47
CA ASN C 231 -0.34 2.26 -45.82
C ASN C 231 -0.66 1.39 -44.59
N GLY C 232 -0.30 1.88 -43.39
CA GLY C 232 -0.45 1.15 -42.14
C GLY C 232 0.73 0.24 -41.80
N ILE C 233 1.80 0.31 -42.57
CA ILE C 233 3.02 -0.44 -42.21
C ILE C 233 3.92 0.48 -41.38
N SER C 234 4.51 -0.07 -40.32
CA SER C 234 5.48 0.66 -39.46
C SER C 234 6.43 -0.31 -38.79
N PHE C 235 7.54 0.19 -38.26
CA PHE C 235 8.58 -0.68 -37.68
C PHE C 235 9.46 0.06 -36.70
N PHE C 236 10.28 -0.71 -35.99
CA PHE C 236 11.36 -0.13 -35.22
C PHE C 236 12.56 -1.09 -35.22
N ALA C 237 13.76 -0.53 -35.10
CA ALA C 237 14.94 -1.30 -34.68
C ALA C 237 15.80 -0.46 -33.78
N GLN C 238 16.50 -1.14 -32.88
CA GLN C 238 17.26 -0.45 -31.85
C GLN C 238 18.48 -1.28 -31.52
N TYR C 239 19.63 -0.63 -31.39
CA TYR C 239 20.87 -1.31 -31.00
C TYR C 239 21.37 -0.67 -29.69
N LYS C 240 21.96 -1.49 -28.81
CA LYS C 240 22.18 -1.11 -27.41
C LYS C 240 23.48 -1.77 -27.03
N TYR C 241 24.41 -0.97 -26.50
CA TYR C 241 25.82 -1.39 -26.26
C TYR C 241 26.10 -1.07 -24.85
N MET C 242 26.50 -2.08 -24.09
CA MET C 242 26.61 -1.98 -22.63
C MET C 242 28.03 -2.33 -22.22
N GLU C 243 28.66 -1.45 -21.48
CA GLU C 243 29.96 -1.72 -20.97
C GLU C 243 29.93 -1.59 -19.45
N ALA C 244 30.78 -2.36 -18.79
CA ALA C 244 30.97 -2.24 -17.36
C ALA C 244 32.41 -2.51 -16.93
N ASP C 245 32.87 -1.71 -15.97
CA ASP C 245 34.24 -1.79 -15.47
C ASP C 245 34.21 -1.93 -13.96
N ALA C 246 34.96 -2.88 -13.42
CA ALA C 246 34.97 -3.20 -12.01
C ALA C 246 36.24 -2.70 -11.31
N SER C 247 36.10 -2.29 -10.05
CA SER C 247 37.26 -1.82 -9.25
C SER C 247 38.51 -2.71 -9.26
N ASN C 248 38.40 -4.01 -9.51
CA ASN C 248 39.59 -4.91 -9.65
C ASN C 248 40.22 -4.97 -11.07
N GLY C 249 39.74 -4.15 -12.00
CA GLY C 249 40.27 -4.09 -13.36
C GLY C 249 39.39 -4.71 -14.45
N VAL C 250 38.52 -5.65 -14.11
CA VAL C 250 37.80 -6.44 -15.10
C VAL C 250 36.95 -5.55 -15.99
N ASN C 251 36.93 -5.86 -17.27
CA ASN C 251 36.05 -5.19 -18.23
C ASN C 251 35.02 -6.19 -18.68
N GLU C 252 33.82 -5.70 -19.03
CA GLU C 252 32.79 -6.53 -19.58
C GLU C 252 32.02 -5.73 -20.59
N LYS C 253 31.72 -6.37 -21.72
CA LYS C 253 31.00 -5.73 -22.78
C LYS C 253 29.95 -6.72 -23.19
N GLN C 254 28.77 -6.18 -23.52
CA GLN C 254 27.68 -6.92 -24.10
C GLN C 254 26.76 -6.01 -24.90
N ASP C 255 26.33 -6.47 -26.07
CA ASP C 255 25.40 -5.72 -26.91
C ASP C 255 24.19 -6.55 -27.19
N ALA C 256 23.25 -5.93 -27.89
CA ALA C 256 21.89 -6.38 -27.90
C ALA C 256 21.15 -5.57 -28.97
N MET C 257 20.05 -6.15 -29.47
CA MET C 257 19.23 -5.50 -30.48
C MET C 257 17.81 -5.97 -30.35
N SER C 258 16.88 -5.10 -30.74
CA SER C 258 15.44 -5.35 -30.74
C SER C 258 14.83 -4.76 -31.98
N ALA C 259 13.96 -5.53 -32.63
CA ALA C 259 13.23 -5.06 -33.79
C ALA C 259 11.76 -5.54 -33.81
N GLY C 260 10.91 -4.70 -34.41
CA GLY C 260 9.50 -4.95 -34.44
C GLY C 260 8.91 -4.48 -35.73
N LEU C 261 7.91 -5.22 -36.21
CA LEU C 261 7.27 -4.98 -37.49
C LEU C 261 5.75 -4.96 -37.26
N MET C 262 5.07 -3.98 -37.82
CA MET C 262 3.65 -3.88 -37.64
C MET C 262 2.88 -3.50 -38.86
N TYR C 263 1.65 -3.99 -38.90
CA TYR C 263 0.75 -3.65 -39.96
C TYR C 263 -0.59 -3.35 -39.32
N THR C 264 -1.04 -2.13 -39.53
CA THR C 264 -2.22 -1.59 -38.84
C THR C 264 -3.19 -1.25 -39.91
N THR C 265 -4.34 -1.92 -39.92
CA THR C 265 -5.25 -1.84 -41.06
C THR C 265 -6.65 -1.80 -40.47
N GLY C 266 -7.41 -0.74 -40.76
CA GLY C 266 -8.73 -0.52 -40.10
C GLY C 266 -8.60 -0.66 -38.59
N ASP C 267 -9.41 -1.52 -38.00
CA ASP C 267 -9.44 -1.72 -36.54
C ASP C 267 -8.42 -2.76 -36.01
N TRP C 268 -7.45 -3.21 -36.83
CA TRP C 268 -6.59 -4.34 -36.43
C TRP C 268 -5.14 -3.94 -36.51
N GLN C 269 -4.31 -4.61 -35.70
CA GLN C 269 -2.86 -4.46 -35.80
C GLN C 269 -2.15 -5.76 -35.56
N TYR C 270 -1.43 -6.22 -36.56
CA TYR C 270 -0.60 -7.41 -36.46
C TYR C 270 0.80 -6.91 -36.11
N LYS C 271 1.50 -7.63 -35.24
CA LYS C 271 2.80 -7.24 -34.81
C LYS C 271 3.69 -8.44 -34.61
N LEU C 272 4.90 -8.30 -35.14
CA LEU C 272 5.95 -9.28 -35.04
C LEU C 272 7.12 -8.57 -34.33
N GLY C 273 7.73 -9.18 -33.33
CA GLY C 273 8.85 -8.55 -32.63
C GLY C 273 9.90 -9.59 -32.32
N TYR C 274 11.18 -9.25 -32.46
CA TYR C 274 12.25 -10.14 -32.03
C TYR C 274 13.31 -9.31 -31.32
N ALA C 275 13.90 -9.85 -30.25
CA ALA C 275 15.01 -9.17 -29.59
C ALA C 275 15.99 -10.13 -28.97
N ALA C 276 17.24 -9.70 -28.83
CA ALA C 276 18.29 -10.62 -28.43
C ALA C 276 19.42 -9.90 -27.77
N ASN C 277 20.04 -10.56 -26.79
CA ASN C 277 21.29 -10.12 -26.25
C ASN C 277 22.28 -11.07 -26.86
N PHE C 278 23.40 -10.55 -27.34
CA PHE C 278 24.48 -11.41 -27.81
C PHE C 278 25.39 -11.81 -26.66
N ASP C 279 26.31 -12.73 -26.96
CA ASP C 279 27.16 -13.31 -25.94
C ASP C 279 27.91 -12.17 -25.24
N LEU C 280 28.10 -12.35 -23.95
CA LEU C 280 28.84 -11.40 -23.18
C LEU C 280 30.33 -11.64 -23.38
N GLU C 281 31.09 -10.56 -23.32
CA GLU C 281 32.53 -10.61 -23.34
C GLU C 281 33.03 -10.08 -22.01
N ARG C 282 34.05 -10.76 -21.45
CA ARG C 282 34.75 -10.29 -20.27
C ARG C 282 36.26 -10.31 -20.46
N ASP C 283 36.90 -9.14 -20.40
CA ASP C 283 38.34 -8.98 -20.61
C ASP C 283 38.68 -9.55 -21.96
N GLY C 284 37.82 -9.26 -22.93
CA GLY C 284 37.95 -9.78 -24.29
C GLY C 284 37.75 -11.25 -24.61
N LYS C 285 37.38 -12.13 -23.65
CA LYS C 285 37.06 -13.55 -23.97
C LYS C 285 35.54 -13.61 -23.97
N THR C 286 34.92 -13.96 -25.09
CA THR C 286 33.50 -14.23 -25.13
C THR C 286 33.25 -15.44 -24.22
N LEU C 287 32.08 -15.43 -23.55
CA LEU C 287 31.60 -16.54 -22.72
C LEU C 287 30.46 -17.22 -23.45
N SER C 288 30.62 -18.53 -23.64
CA SER C 288 29.67 -19.33 -24.42
C SER C 288 28.28 -19.29 -23.74
N ASN C 289 27.26 -19.09 -24.57
CA ASN C 289 25.85 -19.33 -24.24
C ASN C 289 25.35 -18.40 -23.17
N THR C 290 25.85 -17.17 -23.28
CA THR C 290 25.45 -16.09 -22.41
C THR C 290 24.48 -15.20 -23.12
N SER C 291 24.11 -15.53 -24.35
CA SER C 291 23.10 -14.76 -25.10
C SER C 291 21.68 -15.26 -24.77
N ASP C 292 20.67 -14.50 -25.22
CA ASP C 292 19.24 -14.79 -25.06
C ASP C 292 18.52 -14.25 -26.27
N ASP C 293 17.38 -14.85 -26.62
CA ASP C 293 16.45 -14.17 -27.52
C ASP C 293 14.97 -14.42 -27.26
N VAL C 294 14.15 -13.66 -27.99
CA VAL C 294 12.73 -13.81 -27.97
C VAL C 294 12.07 -13.39 -29.27
N VAL C 295 11.20 -14.24 -29.76
CA VAL C 295 10.31 -13.88 -30.85
C VAL C 295 8.86 -13.83 -30.32
N SER C 296 8.02 -12.95 -30.87
CA SER C 296 6.69 -12.70 -30.31
C SER C 296 5.74 -12.23 -31.38
N ALA C 297 4.52 -12.70 -31.35
CA ALA C 297 3.58 -12.42 -32.44
C ALA C 297 2.37 -11.92 -31.75
N GLN C 298 1.68 -10.95 -32.33
CA GLN C 298 0.55 -10.38 -31.62
C GLN C 298 -0.48 -9.88 -32.58
N ILE C 299 -1.74 -10.18 -32.25
CA ILE C 299 -2.88 -9.59 -32.97
C ILE C 299 -3.58 -8.66 -31.96
N MET C 300 -3.90 -7.44 -32.39
CA MET C 300 -4.53 -6.48 -31.51
C MET C 300 -5.70 -5.87 -32.25
N TYR C 301 -6.84 -5.76 -31.53
CA TYR C 301 -8.08 -5.18 -32.08
C TYR C 301 -8.34 -3.87 -31.37
N PHE C 302 -8.73 -2.84 -32.11
CA PHE C 302 -8.97 -1.54 -31.51
C PHE C 302 -10.42 -1.49 -31.14
N VAL C 303 -10.74 -2.14 -30.03
CA VAL C 303 -12.14 -2.36 -29.61
C VAL C 303 -12.94 -1.07 -29.30
N ASP C 304 -12.24 0.01 -28.93
CA ASP C 304 -12.84 1.37 -28.69
C ASP C 304 -11.70 2.40 -28.86
N PRO C 305 -12.01 3.67 -29.20
CA PRO C 305 -10.91 4.69 -29.09
C PRO C 305 -10.09 4.63 -27.78
N SER C 306 -10.71 4.30 -26.65
CA SER C 306 -10.01 4.22 -25.41
C SER C 306 -9.56 2.82 -24.99
N ALA C 307 -9.69 1.81 -25.86
CA ALA C 307 -9.34 0.43 -25.44
C ALA C 307 -8.86 -0.50 -26.52
N VAL C 308 -8.14 -1.55 -26.11
CA VAL C 308 -7.72 -2.64 -26.99
C VAL C 308 -7.86 -4.06 -26.39
N LEU C 309 -8.20 -5.03 -27.26
CA LEU C 309 -8.08 -6.48 -26.98
C LEU C 309 -6.87 -6.99 -27.72
N TYR C 310 -6.20 -8.02 -27.19
CA TYR C 310 -5.01 -8.54 -27.88
C TYR C 310 -4.77 -9.99 -27.56
N ALA C 311 -4.16 -10.70 -28.50
CA ALA C 311 -3.76 -12.09 -28.29
C ALA C 311 -2.31 -12.14 -28.64
N ARG C 312 -1.55 -12.98 -27.98
CA ARG C 312 -0.12 -12.94 -28.17
C ARG C 312 0.59 -14.21 -27.74
N ALA C 313 1.58 -14.60 -28.52
CA ALA C 313 2.37 -15.78 -28.27
C ALA C 313 3.86 -15.42 -28.40
N ARG C 314 4.69 -15.97 -27.53
CA ARG C 314 6.07 -15.61 -27.57
C ARG C 314 6.93 -16.65 -26.97
N MET C 315 8.18 -16.64 -27.39
CA MET C 315 9.09 -17.75 -27.09
C MET C 315 10.44 -17.19 -26.65
N ASN C 316 10.81 -17.44 -25.39
CA ASN C 316 12.02 -16.93 -24.83
C ASN C 316 13.01 -18.03 -24.73
N ASP C 317 14.18 -17.85 -25.32
CA ASP C 317 15.29 -18.75 -25.06
C ASP C 317 16.35 -17.93 -24.39
N PHE C 318 16.58 -18.24 -23.10
CA PHE C 318 17.55 -17.52 -22.32
C PHE C 318 18.86 -18.27 -22.32
N ASN C 319 19.88 -17.51 -21.93
CA ASN C 319 21.21 -18.01 -21.67
C ASN C 319 21.18 -19.12 -20.70
N GLU C 320 22.25 -19.88 -20.65
CA GLU C 320 22.24 -21.09 -19.90
C GLU C 320 23.22 -20.94 -18.68
N GLY C 321 23.38 -19.70 -18.16
CA GLY C 321 24.12 -19.45 -16.90
C GLY C 321 25.55 -18.89 -16.97
N LEU C 322 25.92 -18.10 -15.97
CA LEU C 322 27.27 -17.59 -15.80
C LEU C 322 27.57 -17.16 -14.39
N ASP C 323 28.84 -17.07 -14.08
CA ASP C 323 29.31 -16.64 -12.78
C ASP C 323 29.63 -15.16 -12.79
N GLY C 324 29.33 -14.47 -11.68
CA GLY C 324 29.76 -13.09 -11.48
C GLY C 324 31.14 -13.15 -10.88
N LEU C 325 31.73 -11.98 -10.66
CA LEU C 325 33.12 -11.87 -10.19
C LEU C 325 33.38 -12.35 -8.76
N ASP C 326 32.33 -12.75 -8.04
CA ASP C 326 32.47 -13.29 -6.68
C ASP C 326 32.43 -14.81 -6.69
N ASP C 327 32.62 -15.42 -7.87
CA ASP C 327 32.57 -16.88 -8.06
C ASP C 327 31.19 -17.51 -7.72
N ALA C 328 30.08 -16.82 -8.01
CA ALA C 328 28.70 -17.27 -7.66
C ALA C 328 27.73 -16.90 -8.79
N ALA C 329 26.67 -17.68 -8.97
CA ALA C 329 25.83 -17.48 -10.16
C ALA C 329 25.35 -16.06 -10.15
N ARG C 330 25.45 -15.42 -11.28
CA ARG C 330 24.95 -14.09 -11.46
C ARG C 330 23.49 -14.22 -11.84
N TRP C 331 22.59 -13.73 -11.03
CA TRP C 331 21.21 -13.84 -11.42
C TRP C 331 21.00 -13.08 -12.77
N THR C 332 20.24 -13.66 -13.68
CA THR C 332 19.79 -13.01 -14.94
C THR C 332 18.31 -13.38 -15.15
N SER C 333 17.66 -12.69 -16.10
CA SER C 333 16.29 -13.02 -16.54
C SER C 333 16.10 -14.45 -17.07
N GLY C 334 17.16 -15.25 -17.08
CA GLY C 334 17.03 -16.63 -17.42
C GLY C 334 17.29 -17.61 -16.30
N THR C 335 17.69 -17.15 -15.13
CA THR C 335 17.91 -18.11 -14.05
C THR C 335 16.70 -19.10 -13.84
N ASN C 336 15.45 -18.66 -14.07
CA ASN C 336 14.24 -19.48 -13.93
C ASN C 336 13.95 -20.39 -15.12
N GLY C 337 14.61 -20.19 -16.26
CA GLY C 337 14.57 -21.14 -17.34
C GLY C 337 13.82 -20.62 -18.56
N ASP C 338 13.98 -21.36 -19.67
CA ASP C 338 13.34 -20.99 -20.94
C ASP C 338 11.83 -21.18 -20.77
N TYR C 339 11.04 -20.37 -21.45
CA TYR C 339 9.59 -20.56 -21.40
C TYR C 339 8.91 -19.94 -22.60
N ASN C 340 7.77 -20.53 -22.97
CA ASN C 340 6.87 -20.00 -24.01
C ASN C 340 5.62 -19.44 -23.32
N GLU C 341 4.89 -18.55 -23.98
CA GLU C 341 3.74 -17.97 -23.35
C GLU C 341 2.71 -17.57 -24.35
N TYR C 342 1.46 -17.98 -24.07
CA TYR C 342 0.26 -17.61 -24.88
C TYR C 342 -0.57 -16.74 -23.93
N SER C 343 -1.15 -15.67 -24.46
CA SER C 343 -1.74 -14.62 -23.64
C SER C 343 -2.86 -14.00 -24.47
N VAL C 344 -3.93 -13.56 -23.80
CA VAL C 344 -4.96 -12.66 -24.33
C VAL C 344 -5.22 -11.57 -23.25
N GLY C 345 -5.71 -10.42 -23.68
CA GLY C 345 -5.66 -9.25 -22.82
C GLY C 345 -6.55 -8.08 -23.23
N VAL C 346 -6.82 -7.21 -22.25
CA VAL C 346 -7.59 -6.00 -22.44
C VAL C 346 -6.91 -4.79 -21.75
N GLU C 347 -6.99 -3.60 -22.38
CA GLU C 347 -6.45 -2.34 -21.80
C GLU C 347 -7.34 -1.18 -22.14
N TYR C 348 -7.77 -0.46 -21.09
CA TYR C 348 -8.74 0.60 -21.17
C TYR C 348 -8.07 1.81 -20.50
N TYR C 349 -8.28 3.02 -21.04
CA TYR C 349 -7.60 4.26 -20.65
C TYR C 349 -8.65 5.31 -20.33
N PHE C 350 -8.56 5.92 -19.16
CA PHE C 350 -9.55 6.97 -18.77
C PHE C 350 -8.87 8.08 -18.04
C1 NAG D . 5.04 20.35 6.76
C2 NAG D . 6.37 20.06 7.48
C3 NAG D . 6.30 18.61 7.88
C4 NAG D . 5.17 18.46 8.94
C5 NAG D . 3.83 18.83 8.29
C6 NAG D . 2.67 18.86 9.30
C7 NAG D . 8.32 21.19 6.34
C8 NAG D . 9.57 20.75 5.65
N2 NAG D . 7.64 20.11 6.75
O1 NAG D . 5.00 21.71 6.30
O3 NAG D . 7.66 18.21 8.16
O4 NAG D . 4.97 17.14 9.46
O5 NAG D . 3.91 20.10 7.63
O6 NAG D . 1.59 17.99 8.93
O7 NAG D . 7.97 22.38 6.47
C1 NAG D . 6.13 16.43 9.96
C2 NAG D . 5.65 15.04 10.44
C3 NAG D . 6.93 14.24 10.85
C4 NAG D . 8.10 14.24 9.79
C5 NAG D . 8.40 15.71 9.41
C6 NAG D . 9.45 15.99 8.33
C7 NAG D . 3.23 15.40 11.37
C8 NAG D . 2.44 15.28 12.64
N2 NAG D . 4.57 15.05 11.48
O3 NAG D . 6.49 12.91 11.12
O4 NAG D . 9.36 13.59 10.18
O5 NAG D . 7.17 16.28 8.97
O6 NAG D . 10.56 15.11 8.44
O7 NAG D . 2.58 15.82 10.40
C1 NAG D . 9.34 12.15 10.43
C2 NAG D . 10.74 11.44 10.35
C3 NAG D . 10.52 9.93 10.70
C4 NAG D . 9.87 9.80 12.12
C5 NAG D . 8.54 10.56 12.13
C6 NAG D . 7.85 10.55 13.51
C7 NAG D . 12.81 11.64 8.79
C8 NAG D . 13.80 10.88 9.62
N2 NAG D . 11.49 11.84 9.13
O3 NAG D . 11.73 9.16 10.66
O4 NAG D . 9.65 8.45 12.64
O5 NAG D . 8.77 11.92 11.74
O6 NAG D . 6.67 9.74 13.46
O7 NAG D . 13.27 12.08 7.74
C1 NAG D . 10.59 8.07 13.68
C2 NAG D . 10.17 6.85 14.57
C3 NAG D . 11.46 6.41 15.30
C4 NAG D . 12.33 5.73 14.23
C5 NAG D . 12.79 6.79 13.19
C6 NAG D . 13.13 6.16 11.82
C7 NAG D . 8.55 5.95 16.25
C8 NAG D . 7.44 6.20 17.23
N2 NAG D . 9.08 7.01 15.56
O3 NAG D . 11.29 5.53 16.43
O4 NAG D . 13.45 5.08 14.85
O5 NAG D . 11.86 7.89 12.98
O6 NAG D . 14.54 6.15 11.56
O7 NAG D . 8.92 4.79 16.13
C1 NAG E . -20.63 -6.81 6.51
C2 NAG E . -19.88 -7.47 7.74
C3 NAG E . -18.41 -7.57 7.43
C4 NAG E . -18.33 -8.31 6.05
C5 NAG E . -18.79 -7.36 4.94
C6 NAG E . -18.49 -7.81 3.49
C7 NAG E . -19.71 -6.70 10.29
C8 NAG E . -18.37 -7.20 10.79
N2 NAG E . -20.26 -6.83 9.03
O1 NAG E . -22.04 -7.18 6.51
O3 NAG E . -17.72 -8.15 8.56
O4 NAG E . -17.06 -8.75 5.64
O5 NAG E . -20.19 -7.15 5.16
O6 NAG E . -18.91 -6.85 2.49
O7 NAG E . -20.42 -6.08 11.08
C1 NAG E . -16.42 -9.69 6.50
C2 NAG E . -15.28 -10.27 5.69
C3 NAG E . -14.50 -11.21 6.64
C4 NAG E . -13.95 -10.44 7.90
C5 NAG E . -15.23 -9.92 8.64
C6 NAG E . -15.15 -9.05 9.91
C7 NAG E . -15.90 -10.30 3.20
C8 NAG E . -16.57 -11.10 2.13
N2 NAG E . -15.85 -10.86 4.44
O3 NAG E . -13.50 -11.87 5.86
O4 NAG E . -13.04 -11.22 8.77
O5 NAG E . -15.95 -9.08 7.72
O6 NAG E . -14.18 -9.57 10.81
O7 NAG E . -15.43 -9.19 2.88
C1 NAG E . -11.70 -11.57 8.24
C2 NAG E . -10.71 -11.94 9.35
C3 NAG E . -9.36 -12.50 8.75
C4 NAG E . -9.63 -13.68 7.78
C5 NAG E . -10.55 -13.14 6.67
C6 NAG E . -10.90 -14.20 5.61
C7 NAG E . -10.27 -10.78 11.62
C8 NAG E . -9.66 -11.97 12.32
N2 NAG E . -10.68 -10.81 10.33
O3 NAG E . -8.46 -12.97 9.75
O4 NAG E . -8.49 -14.33 7.15
O5 NAG E . -11.77 -12.66 7.29
O6 NAG E . -9.76 -14.60 4.88
O7 NAG E . -10.36 -9.76 12.27
C1 NAG E . -7.94 -15.49 7.85
C2 NAG E . -6.84 -16.24 7.03
C3 NAG E . -6.24 -17.30 7.96
C4 NAG E . -5.45 -16.54 9.03
C5 NAG E . -6.46 -15.77 9.91
C6 NAG E . -5.74 -14.83 10.89
C7 NAG E . -6.47 -17.23 4.70
C8 NAG E . -4.95 -17.16 4.71
N2 NAG E . -7.26 -16.82 5.74
O3 NAG E . -5.43 -18.31 7.34
O4 NAG E . -4.63 -17.43 9.80
O5 NAG E . -7.45 -15.04 9.13
O6 NAG E . -6.62 -13.88 11.51
O7 NAG E . -7.00 -17.70 3.71
C1 NAG F . 1.48 -0.55 -22.49
C2 NAG F . 2.13 -1.97 -22.52
C3 NAG F . 2.59 -2.33 -21.13
C4 NAG F . 3.59 -1.19 -20.82
C5 NAG F . 2.84 0.08 -20.44
C6 NAG F . 3.77 1.24 -20.04
C7 NAG F . 1.07 -4.26 -23.35
C8 NAG F . 1.58 -5.36 -22.42
N2 NAG F . 1.30 -2.92 -23.30
O1 NAG F . 1.75 0.13 -23.74
O3 NAG F . 3.12 -3.68 -21.03
O4 NAG F . 4.40 -1.40 -19.67
O5 NAG F . 1.89 0.41 -21.47
O6 NAG F . 3.04 2.46 -19.83
O7 NAG F . 0.31 -4.57 -24.24
C1 NAG F . 5.18 -2.61 -19.63
C2 NAG F . 6.00 -2.22 -18.41
C3 NAG F . 6.89 -3.38 -18.01
C4 NAG F . 6.04 -4.70 -17.86
C5 NAG F . 5.25 -5.00 -19.18
C6 NAG F . 4.31 -6.21 -19.15
C7 NAG F . 6.76 0.19 -17.91
C8 NAG F . 6.60 0.03 -16.41
N2 NAG F . 6.52 -0.86 -18.72
O3 NAG F . 7.58 -2.95 -16.83
O4 NAG F . 6.80 -5.88 -17.46
O5 NAG F . 4.46 -3.85 -19.50
O6 NAG F . 3.19 -6.08 -20.05
O7 NAG F . 7.16 1.26 -18.37
C1 NAG F . 7.36 -5.80 -16.11
C2 NAG F . 7.75 -7.21 -15.61
C3 NAG F . 8.49 -7.06 -14.25
C4 NAG F . 9.72 -6.12 -14.41
C5 NAG F . 9.19 -4.75 -14.79
C6 NAG F . 10.29 -3.66 -14.90
C7 NAG F . 6.54 -9.45 -15.67
C8 NAG F . 7.74 -10.36 -15.57
N2 NAG F . 6.59 -8.10 -15.67
O3 NAG F . 8.85 -8.37 -13.76
O4 NAG F . 10.64 -5.99 -13.29
O5 NAG F . 8.50 -4.90 -16.04
O6 NAG F . 10.27 -2.75 -13.80
O7 NAG F . 5.47 -10.01 -15.74
C1 NAG F . 11.71 -6.97 -13.26
C2 NAG F . 12.83 -6.59 -12.26
C3 NAG F . 13.84 -7.77 -12.28
C4 NAG F . 13.10 -8.92 -11.55
C5 NAG F . 11.87 -9.37 -12.37
C6 NAG F . 10.90 -10.22 -11.52
C7 NAG F . 14.31 -4.67 -11.58
C8 NAG F . 14.63 -3.22 -11.73
N2 NAG F . 13.32 -5.19 -12.34
O3 NAG F . 15.13 -7.54 -11.68
O4 NAG F . 13.96 -10.04 -11.27
O5 NAG F . 11.14 -8.28 -12.96
O6 NAG F . 10.87 -11.61 -11.91
O7 NAG F . 15.00 -5.30 -10.77
#